data_1STZ
#
_entry.id   1STZ
#
_cell.length_a   115.295
_cell.length_b   115.295
_cell.length_c   185.148
_cell.angle_alpha   90.00
_cell.angle_beta   90.00
_cell.angle_gamma   90.00
#
_symmetry.space_group_name_H-M   'P 43 21 2'
#
loop_
_entity.id
_entity.type
_entity.pdbx_description
1 polymer 'Heat-inducible transcription repressor hrcA homolog'
2 water water
#
_entity_poly.entity_id   1
_entity_poly.type   'polypeptide(L)'
_entity_poly.pdbx_seq_one_letter_code
;MRRLNRKNNEALKKLNDRQRKVLYCIVREYIENKKPVSSQRVLEVSNIEFSSATIRNDMKKLEYLGYIYQPHTSAGRIPT
DKGLRFYYEEMLKISKETSEADLAVETFKSMPLADPEKVLFLAGNLLARLTEGYVLIERPNTRDLKILRVMLIPVSEDYL
IFSILTEFGVSKVTPIKTQERLNWEEIERQLNFLLRGRTVGEVLMGKIESLKGSGFLRLIESLIGETVERYLDAGLENLL
KDETLTLEDIRNLLEEVKDQKFLESLVGEGITVRIGREIGRKKLEKFAVFSGKYFKGESPIGSVYLFTSKVTKYDRNHRV
FEYILNRLSEYFTSTSRR
;
_entity_poly.pdbx_strand_id   A,B,C
#
# COMPACT_ATOMS: atom_id res chain seq x y z
N LYS A 14 38.85 6.96 -26.05
CA LYS A 14 37.66 7.13 -25.17
C LYS A 14 36.49 7.61 -26.02
N LEU A 15 35.32 7.69 -25.40
CA LEU A 15 34.10 8.06 -26.13
C LEU A 15 33.89 9.57 -26.08
N ASN A 16 33.21 10.07 -27.10
CA ASN A 16 32.69 11.45 -27.14
C ASN A 16 31.62 11.63 -26.09
N ASP A 17 31.21 12.88 -25.89
CA ASP A 17 29.99 13.16 -25.15
C ASP A 17 28.79 12.61 -25.92
N ARG A 18 28.76 12.86 -27.23
CA ARG A 18 27.68 12.39 -28.08
C ARG A 18 27.60 10.86 -28.13
N GLN A 19 28.75 10.22 -28.27
CA GLN A 19 28.83 8.77 -28.33
C GLN A 19 28.37 8.13 -27.01
N ARG A 20 28.65 8.80 -25.90
CA ARG A 20 28.17 8.38 -24.59
C ARG A 20 26.64 8.42 -24.56
N LYS A 21 26.05 9.50 -25.08
CA LYS A 21 24.61 9.64 -25.12
C LYS A 21 24.00 8.61 -26.07
N VAL A 22 24.66 8.34 -27.19
CA VAL A 22 24.16 7.34 -28.14
C VAL A 22 24.14 5.94 -27.48
N LEU A 23 25.17 5.62 -26.71
CA LEU A 23 25.24 4.33 -26.04
C LEU A 23 24.14 4.24 -25.00
N TYR A 24 23.96 5.33 -24.27
CA TYR A 24 22.94 5.42 -23.24
C TYR A 24 21.54 5.19 -23.84
N CYS A 25 21.26 5.82 -24.97
CA CYS A 25 19.92 5.69 -25.58
C CYS A 25 19.66 4.27 -26.07
N ILE A 26 20.67 3.65 -26.71
CA ILE A 26 20.56 2.28 -27.20
C ILE A 26 20.17 1.34 -26.06
N VAL A 27 20.90 1.40 -24.96
CA VAL A 27 20.66 0.52 -23.82
C VAL A 27 19.29 0.79 -23.21
N ARG A 28 18.92 2.05 -23.07
CA ARG A 28 17.62 2.41 -22.53
C ARG A 28 16.51 1.90 -23.43
N GLU A 29 16.68 2.09 -24.74
CA GLU A 29 15.73 1.58 -25.70
C GLU A 29 15.68 0.05 -25.71
N TYR A 30 16.81 -0.62 -25.49
CA TYR A 30 16.84 -2.08 -25.54
C TYR A 30 16.10 -2.68 -24.34
N ILE A 31 16.34 -2.11 -23.16
CA ILE A 31 15.66 -2.52 -21.95
C ILE A 31 14.15 -2.36 -22.10
N GLU A 32 13.73 -1.21 -22.64
CA GLU A 32 12.30 -0.90 -22.82
C GLU A 32 11.56 -1.85 -23.78
N ASN A 33 12.08 -2.03 -25.00
CA ASN A 33 11.37 -2.77 -26.06
C ASN A 33 11.99 -4.13 -26.41
N LYS A 34 13.26 -4.30 -26.08
CA LYS A 34 13.93 -5.62 -26.11
C LYS A 34 14.14 -6.11 -27.52
N LYS A 35 14.53 -5.18 -28.39
CA LYS A 35 14.88 -5.49 -29.77
C LYS A 35 16.14 -4.74 -30.16
N PRO A 36 16.88 -5.23 -31.14
CA PRO A 36 18.08 -4.52 -31.63
C PRO A 36 17.73 -3.07 -32.01
N VAL A 37 18.59 -2.13 -31.62
CA VAL A 37 18.32 -0.70 -31.81
C VAL A 37 19.17 -0.13 -32.96
N SER A 38 18.50 0.37 -33.99
CA SER A 38 19.17 0.93 -35.15
C SER A 38 19.52 2.40 -34.97
N SER A 39 20.33 2.93 -35.88
CA SER A 39 20.65 4.36 -35.91
C SER A 39 19.38 5.21 -36.03
N GLN A 40 18.49 4.79 -36.93
CA GLN A 40 17.22 5.48 -37.14
C GLN A 40 16.36 5.50 -35.88
N ARG A 41 16.44 4.44 -35.07
CA ARG A 41 15.68 4.37 -33.83
C ARG A 41 16.19 5.41 -32.83
N VAL A 42 17.51 5.52 -32.67
CA VAL A 42 18.05 6.40 -31.62
C VAL A 42 17.74 7.87 -31.90
N LEU A 43 17.65 8.22 -33.18
CA LEU A 43 17.30 9.58 -33.56
C LEU A 43 15.84 9.89 -33.22
N GLU A 44 14.96 8.92 -33.42
CA GLU A 44 13.52 9.08 -33.16
C GLU A 44 13.22 9.20 -31.67
N VAL A 45 13.96 8.45 -30.86
CA VAL A 45 13.67 8.34 -29.43
C VAL A 45 14.36 9.43 -28.61
N SER A 46 15.31 10.12 -29.22
CA SER A 46 16.13 11.10 -28.53
C SER A 46 16.01 12.45 -29.20
N ASN A 47 16.70 13.43 -28.61
CA ASN A 47 16.84 14.75 -29.23
C ASN A 47 18.30 15.03 -29.58
N ILE A 48 19.02 13.98 -29.97
CA ILE A 48 20.37 14.13 -30.52
C ILE A 48 20.23 14.91 -31.82
N GLU A 49 21.13 15.86 -32.04
CA GLU A 49 20.97 16.89 -33.07
C GLU A 49 21.88 16.63 -34.28
N PHE A 50 22.24 15.37 -34.49
CA PHE A 50 23.22 14.97 -35.50
C PHE A 50 22.60 14.04 -36.54
N SER A 51 23.34 13.83 -37.63
CA SER A 51 22.85 13.10 -38.80
C SER A 51 22.78 11.59 -38.58
N SER A 52 22.04 10.91 -39.45
CA SER A 52 21.90 9.45 -39.39
C SER A 52 23.22 8.72 -39.67
N ALA A 53 24.03 9.28 -40.58
CA ALA A 53 25.34 8.69 -40.89
C ALA A 53 26.29 8.79 -39.69
N THR A 54 26.20 9.90 -38.97
CA THR A 54 27.04 10.16 -37.81
C THR A 54 26.76 9.18 -36.69
N ILE A 55 25.49 8.80 -36.53
CA ILE A 55 25.08 7.87 -35.48
C ILE A 55 25.59 6.46 -35.78
N ARG A 56 25.56 6.06 -37.05
CA ARG A 56 26.08 4.76 -37.46
C ARG A 56 27.58 4.67 -37.24
N ASN A 57 28.29 5.77 -37.49
CA ASN A 57 29.73 5.85 -37.25
C ASN A 57 30.07 5.74 -35.77
N ASP A 58 29.21 6.31 -34.93
CA ASP A 58 29.35 6.20 -33.48
C ASP A 58 29.09 4.77 -33.04
N MET A 59 28.11 4.14 -33.69
CA MET A 59 27.74 2.75 -33.41
C MET A 59 28.84 1.77 -33.85
N LYS A 60 29.61 2.14 -34.86
CA LYS A 60 30.76 1.35 -35.29
C LYS A 60 31.86 1.44 -34.23
N LYS A 61 32.10 2.65 -33.74
CA LYS A 61 33.06 2.86 -32.65
C LYS A 61 32.63 2.13 -31.37
N LEU A 62 31.34 2.13 -31.07
CA LEU A 62 30.83 1.48 -29.85
C LEU A 62 31.03 -0.03 -29.90
N GLU A 63 30.80 -0.58 -31.09
CA GLU A 63 31.02 -2.00 -31.35
C GLU A 63 32.52 -2.36 -31.35
N TYR A 64 33.35 -1.48 -31.90
CA TYR A 64 34.79 -1.69 -31.90
C TYR A 64 35.34 -1.74 -30.46
N LEU A 65 34.75 -0.96 -29.56
CA LEU A 65 35.20 -0.91 -28.16
C LEU A 65 34.47 -1.92 -27.27
N GLY A 66 33.54 -2.66 -27.86
CA GLY A 66 32.92 -3.81 -27.19
C GLY A 66 31.68 -3.52 -26.37
N TYR A 67 31.07 -2.36 -26.58
CA TYR A 67 29.89 -1.92 -25.83
C TYR A 67 28.59 -2.51 -26.36
N ILE A 68 28.59 -2.88 -27.64
CA ILE A 68 27.41 -3.42 -28.33
C ILE A 68 27.81 -4.46 -29.37
N TYR A 69 26.87 -5.31 -29.76
CA TYR A 69 27.08 -6.27 -30.84
C TYR A 69 25.91 -6.32 -31.83
N GLN A 70 26.17 -6.94 -32.98
CA GLN A 70 25.18 -7.09 -34.03
C GLN A 70 24.71 -8.56 -34.06
N PRO A 71 23.46 -8.82 -33.65
CA PRO A 71 22.91 -10.19 -33.62
C PRO A 71 23.19 -11.04 -34.87
N HIS A 72 22.52 -10.78 -36.00
CA HIS A 72 22.80 -11.54 -37.22
C HIS A 72 23.15 -10.56 -38.34
N THR A 73 22.13 -10.18 -39.11
CA THR A 73 22.23 -9.34 -40.30
C THR A 73 21.49 -8.01 -40.06
N SER A 74 21.03 -7.81 -38.83
CA SER A 74 20.15 -6.70 -38.48
C SER A 74 20.91 -5.38 -38.44
N ALA A 75 20.27 -4.30 -38.87
CA ALA A 75 20.85 -2.96 -38.77
C ALA A 75 20.96 -2.50 -37.32
N GLY A 76 20.16 -3.11 -36.45
CA GLY A 76 20.17 -2.79 -35.03
C GLY A 76 21.27 -3.47 -34.23
N ARG A 77 21.50 -2.95 -33.03
CA ARG A 77 22.55 -3.43 -32.16
C ARG A 77 22.00 -3.72 -30.77
N ILE A 78 22.74 -4.51 -30.01
CA ILE A 78 22.31 -4.94 -28.67
C ILE A 78 23.46 -4.69 -27.70
N PRO A 79 23.20 -4.17 -26.52
CA PRO A 79 24.28 -3.98 -25.54
C PRO A 79 24.97 -5.27 -25.12
N THR A 80 26.28 -5.22 -24.97
CA THR A 80 27.03 -6.28 -24.29
C THR A 80 26.94 -6.07 -22.80
N ASP A 81 27.53 -6.96 -22.03
CA ASP A 81 27.62 -6.76 -20.57
C ASP A 81 28.37 -5.48 -20.25
N LYS A 82 29.36 -5.14 -21.07
CA LYS A 82 30.10 -3.89 -20.90
C LYS A 82 29.19 -2.68 -21.10
N GLY A 83 28.34 -2.73 -22.12
CA GLY A 83 27.39 -1.67 -22.37
C GLY A 83 26.34 -1.54 -21.29
N LEU A 84 25.90 -2.67 -20.75
CA LEU A 84 24.97 -2.63 -19.62
C LEU A 84 25.62 -1.99 -18.39
N ARG A 85 26.88 -2.32 -18.12
CA ARG A 85 27.63 -1.75 -17.01
C ARG A 85 27.79 -0.25 -17.21
N PHE A 86 28.10 0.17 -18.43
CA PHE A 86 28.24 1.59 -18.73
C PHE A 86 26.94 2.31 -18.41
N TYR A 87 25.82 1.72 -18.84
CA TYR A 87 24.49 2.32 -18.62
C TYR A 87 24.22 2.48 -17.13
N TYR A 88 24.42 1.41 -16.37
CA TYR A 88 24.24 1.44 -14.91
C TYR A 88 25.06 2.54 -14.22
N GLU A 89 26.34 2.65 -14.56
CA GLU A 89 27.22 3.65 -13.96
C GLU A 89 26.72 5.06 -14.23
N GLU A 90 26.19 5.31 -15.43
CA GLU A 90 25.68 6.62 -15.79
C GLU A 90 24.37 6.94 -15.07
N MET A 91 23.52 5.93 -14.86
CA MET A 91 22.27 6.16 -14.11
C MET A 91 22.55 6.39 -12.65
N LEU A 92 23.56 5.72 -12.12
CA LEU A 92 23.95 5.87 -10.71
C LEU A 92 24.38 7.31 -10.46
N LYS A 93 25.13 7.85 -11.42
CA LYS A 93 25.63 9.23 -11.40
C LYS A 93 24.49 10.24 -11.45
N ILE A 94 23.48 9.97 -12.28
CA ILE A 94 22.32 10.85 -12.41
C ILE A 94 21.38 10.73 -11.21
N SER A 95 21.41 9.60 -10.52
CA SER A 95 20.59 9.39 -9.33
C SER A 95 21.10 10.16 -8.08
N LYS A 96 22.26 10.81 -8.22
CA LYS A 96 22.86 11.62 -7.15
C LYS A 96 22.65 13.12 -7.38
N GLU A 97 21.90 13.46 -8.42
CA GLU A 97 21.57 14.86 -8.71
C GLU A 97 20.15 15.15 -8.19
N THR A 98 19.23 14.23 -8.42
CA THR A 98 17.84 14.44 -8.01
C THR A 98 17.48 13.59 -6.78
N SER A 99 16.23 13.70 -6.33
CA SER A 99 15.71 12.90 -5.23
C SER A 99 15.10 11.60 -5.74
N GLU A 100 14.78 10.70 -4.80
CA GLU A 100 14.05 9.48 -5.13
C GLU A 100 12.62 9.86 -5.47
N ALA A 101 11.77 9.98 -4.45
CA ALA A 101 10.33 10.02 -4.63
C ALA A 101 9.88 8.79 -5.41
N ASP A 102 9.83 7.65 -4.72
CA ASP A 102 9.23 6.42 -5.24
C ASP A 102 8.11 5.99 -4.30
N LEU A 103 6.90 6.39 -4.66
CA LEU A 103 5.73 6.24 -3.83
C LEU A 103 5.52 4.79 -3.41
N ALA A 104 5.65 3.88 -4.39
CA ALA A 104 5.35 2.48 -4.16
C ALA A 104 6.24 1.88 -3.07
N VAL A 105 7.53 2.12 -3.15
CA VAL A 105 8.47 1.54 -2.20
C VAL A 105 8.33 2.19 -0.82
N GLU A 106 7.92 3.46 -0.77
CA GLU A 106 7.71 4.16 0.50
C GLU A 106 6.52 3.62 1.31
N THR A 107 5.66 2.78 0.69
CA THR A 107 4.62 2.09 1.43
C THR A 107 5.14 0.99 2.33
N PHE A 108 6.41 0.64 2.20
CA PHE A 108 6.97 -0.37 3.07
C PHE A 108 6.91 0.13 4.51
N LYS A 109 6.37 -0.69 5.36
CA LYS A 109 6.41 -0.43 6.80
C LYS A 109 6.63 -1.74 7.53
N SER A 110 7.52 -1.65 8.50
CA SER A 110 7.62 -2.65 9.54
C SER A 110 6.62 -2.25 10.61
N MET A 111 6.10 -1.02 10.48
CA MET A 111 4.96 -0.52 11.26
C MET A 111 5.17 -0.88 12.71
N PRO A 112 4.19 -1.40 13.45
CA PRO A 112 4.56 -1.90 14.76
C PRO A 112 4.70 -3.43 14.78
N LEU A 113 4.99 -4.09 13.67
CA LEU A 113 5.30 -5.53 13.72
C LEU A 113 6.55 -5.81 14.56
N ALA A 114 6.50 -6.90 15.32
CA ALA A 114 7.58 -7.30 16.22
C ALA A 114 8.19 -8.67 15.89
N ASP A 115 7.70 -9.36 14.86
CA ASP A 115 8.20 -10.66 14.44
C ASP A 115 9.18 -10.42 13.30
N PRO A 116 10.47 -10.68 13.52
CA PRO A 116 11.45 -10.42 12.46
C PRO A 116 11.17 -11.24 11.19
N GLU A 117 10.56 -12.41 11.30
CA GLU A 117 10.27 -13.25 10.15
C GLU A 117 9.23 -12.59 9.23
N LYS A 118 8.20 -12.01 9.82
CA LYS A 118 7.19 -11.29 9.06
C LYS A 118 7.77 -10.01 8.40
N VAL A 119 8.72 -9.36 9.06
CA VAL A 119 9.34 -8.18 8.50
C VAL A 119 10.18 -8.57 7.26
N LEU A 120 10.93 -9.66 7.35
CA LEU A 120 11.69 -10.17 6.21
C LEU A 120 10.75 -10.60 5.08
N PHE A 121 9.63 -11.21 5.45
CA PHE A 121 8.61 -11.65 4.49
C PHE A 121 8.06 -10.47 3.67
N LEU A 122 7.73 -9.37 4.36
CA LEU A 122 7.20 -8.21 3.71
C LEU A 122 8.23 -7.55 2.81
N ALA A 123 9.46 -7.44 3.29
CA ALA A 123 10.54 -6.84 2.53
C ALA A 123 10.82 -7.62 1.24
N GLY A 124 10.92 -8.93 1.33
CA GLY A 124 11.28 -9.76 0.17
C GLY A 124 10.21 -9.69 -0.89
N ASN A 125 8.97 -9.72 -0.43
CA ASN A 125 7.85 -9.69 -1.33
C ASN A 125 7.62 -8.35 -2.01
N LEU A 126 7.84 -7.24 -1.30
CA LEU A 126 7.70 -5.93 -1.92
C LEU A 126 8.83 -5.70 -2.94
N LEU A 127 10.04 -6.09 -2.56
CA LEU A 127 11.21 -5.99 -3.40
C LEU A 127 11.02 -6.79 -4.71
N ALA A 128 10.61 -8.05 -4.58
CA ALA A 128 10.34 -8.93 -5.73
C ALA A 128 9.27 -8.36 -6.64
N ARG A 129 8.18 -7.91 -6.04
CA ARG A 129 7.07 -7.36 -6.79
C ARG A 129 7.42 -6.10 -7.61
N LEU A 130 8.13 -5.17 -6.99
CA LEU A 130 8.43 -3.88 -7.61
C LEU A 130 9.53 -3.95 -8.67
N THR A 131 10.36 -4.97 -8.62
CA THR A 131 11.45 -5.13 -9.58
C THR A 131 11.24 -6.29 -10.56
N GLU A 132 10.15 -7.01 -10.43
CA GLU A 132 9.91 -8.23 -11.19
C GLU A 132 11.12 -9.15 -11.13
N GLY A 133 11.65 -9.33 -9.92
CA GLY A 133 12.79 -10.21 -9.70
C GLY A 133 12.54 -11.36 -8.74
N TYR A 134 13.61 -12.10 -8.49
CA TYR A 134 13.65 -13.19 -7.53
C TYR A 134 14.54 -12.75 -6.39
N VAL A 135 14.02 -12.77 -5.18
CA VAL A 135 14.72 -12.32 -3.98
C VAL A 135 15.08 -13.45 -3.03
N LEU A 136 16.32 -13.46 -2.55
CA LEU A 136 16.74 -14.27 -1.41
C LEU A 136 17.16 -13.32 -0.30
N ILE A 137 16.60 -13.51 0.89
CA ILE A 137 17.04 -12.82 2.09
C ILE A 137 17.57 -13.86 3.08
N GLU A 138 18.83 -13.73 3.45
CA GLU A 138 19.43 -14.53 4.49
C GLU A 138 18.81 -14.17 5.87
N ARG A 139 18.16 -15.15 6.52
CA ARG A 139 17.64 -15.00 7.88
C ARG A 139 18.79 -14.85 8.89
N PRO A 140 18.53 -14.24 10.04
CA PRO A 140 19.59 -14.13 11.05
C PRO A 140 20.11 -15.52 11.42
N ASN A 141 21.41 -15.64 11.60
CA ASN A 141 22.04 -16.92 11.90
C ASN A 141 21.60 -17.40 13.29
N THR A 142 21.06 -18.61 13.36
CA THR A 142 20.59 -19.18 14.63
C THR A 142 21.71 -19.52 15.60
N ARG A 143 22.92 -19.67 15.08
CA ARG A 143 24.07 -20.06 15.89
C ARG A 143 24.28 -19.22 17.16
N ASP A 144 24.04 -17.92 17.09
CA ASP A 144 24.24 -17.02 18.25
C ASP A 144 22.95 -16.24 18.59
N LEU A 145 21.80 -16.79 18.18
CA LEU A 145 20.50 -16.19 18.49
C LEU A 145 20.10 -16.66 19.88
N LYS A 146 20.49 -15.91 20.90
CA LYS A 146 20.12 -16.25 22.28
C LYS A 146 18.60 -16.17 22.49
N ILE A 147 18.03 -17.18 23.15
CA ILE A 147 16.67 -17.12 23.64
C ILE A 147 16.66 -16.32 24.95
N LEU A 148 16.05 -15.14 24.92
CA LEU A 148 16.02 -14.24 26.09
C LEU A 148 14.89 -14.58 27.05
N ARG A 149 13.84 -15.23 26.53
CA ARG A 149 12.65 -15.57 27.32
C ARG A 149 11.72 -16.51 26.56
N VAL A 150 11.05 -17.40 27.29
CA VAL A 150 10.07 -18.31 26.71
C VAL A 150 8.70 -18.01 27.33
N MET A 151 7.73 -17.72 26.48
CA MET A 151 6.39 -17.39 26.94
C MET A 151 5.42 -18.53 26.59
N LEU A 152 4.66 -18.98 27.59
CA LEU A 152 3.49 -19.84 27.41
C LEU A 152 2.25 -19.16 27.97
N ILE A 153 1.44 -18.53 27.12
CA ILE A 153 0.27 -17.75 27.58
C ILE A 153 -1.08 -18.46 27.38
N PRO A 154 -1.73 -18.91 28.43
CA PRO A 154 -3.08 -19.48 28.27
C PRO A 154 -4.12 -18.42 27.89
N VAL A 155 -4.67 -18.50 26.68
CA VAL A 155 -5.74 -17.58 26.26
C VAL A 155 -7.12 -18.11 26.61
N SER A 156 -7.28 -19.43 26.69
CA SER A 156 -8.51 -20.01 27.24
C SER A 156 -8.27 -21.43 27.74
N GLU A 157 -9.34 -22.12 28.14
CA GLU A 157 -9.28 -23.55 28.46
C GLU A 157 -8.72 -24.34 27.27
N ASP A 158 -9.07 -23.92 26.06
CA ASP A 158 -8.75 -24.67 24.84
C ASP A 158 -7.45 -24.29 24.15
N TYR A 159 -6.94 -23.10 24.40
CA TYR A 159 -5.82 -22.58 23.61
C TYR A 159 -4.68 -21.98 24.43
N LEU A 160 -3.47 -22.16 23.91
CA LEU A 160 -2.24 -21.67 24.51
C LEU A 160 -1.44 -20.98 23.44
N ILE A 161 -0.78 -19.86 23.76
CA ILE A 161 0.15 -19.27 22.81
C ILE A 161 1.59 -19.36 23.29
N PHE A 162 2.41 -20.04 22.48
CA PHE A 162 3.83 -20.17 22.75
C PHE A 162 4.58 -19.16 21.90
N SER A 163 5.69 -18.66 22.43
CA SER A 163 6.63 -17.87 21.65
C SER A 163 7.94 -17.71 22.41
N ILE A 164 8.97 -17.22 21.72
CA ILE A 164 10.22 -16.90 22.38
C ILE A 164 10.55 -15.46 22.08
N LEU A 165 11.32 -14.86 22.99
CA LEU A 165 11.86 -13.52 22.79
C LEU A 165 13.30 -13.69 22.38
N THR A 166 13.71 -12.86 21.45
CA THR A 166 15.04 -12.85 20.93
C THR A 166 15.49 -11.37 20.88
N GLU A 167 16.76 -11.08 20.57
CA GLU A 167 17.21 -9.68 20.42
C GLU A 167 16.51 -8.95 19.27
N PHE A 168 15.96 -9.72 18.32
CA PHE A 168 15.24 -9.19 17.15
C PHE A 168 13.72 -9.18 17.26
N GLY A 169 13.17 -9.59 18.39
CA GLY A 169 11.72 -9.51 18.61
C GLY A 169 11.10 -10.82 19.07
N VAL A 170 9.82 -10.99 18.74
CA VAL A 170 9.05 -12.17 19.17
C VAL A 170 8.99 -13.16 18.01
N SER A 171 9.52 -14.36 18.22
CA SER A 171 9.58 -15.37 17.17
C SER A 171 8.87 -16.63 17.56
N LYS A 172 8.64 -17.47 16.57
CA LYS A 172 8.05 -18.79 16.73
C LYS A 172 6.67 -18.76 17.32
N VAL A 173 5.93 -17.69 17.07
CA VAL A 173 4.61 -17.55 17.66
C VAL A 173 3.68 -18.66 17.15
N THR A 174 3.12 -19.42 18.07
CA THR A 174 2.42 -20.65 17.73
C THR A 174 1.29 -20.91 18.70
N PRO A 175 0.05 -20.74 18.26
CA PRO A 175 -1.10 -21.15 19.06
C PRO A 175 -1.16 -22.67 19.14
N ILE A 176 -1.55 -23.21 20.28
CA ILE A 176 -1.55 -24.65 20.54
C ILE A 176 -2.90 -25.06 21.12
N LYS A 177 -3.46 -26.18 20.66
CA LYS A 177 -4.61 -26.81 21.29
C LYS A 177 -4.23 -27.47 22.60
N THR A 178 -5.07 -27.31 23.61
CA THR A 178 -4.98 -28.09 24.83
C THR A 178 -6.36 -28.57 25.26
N GLN A 179 -6.61 -29.87 25.14
CA GLN A 179 -7.86 -30.47 25.64
C GLN A 179 -7.80 -30.87 27.12
N GLU A 180 -6.60 -30.89 27.70
CA GLU A 180 -6.45 -31.14 29.15
C GLU A 180 -5.45 -30.16 29.79
N ARG A 181 -5.90 -29.49 30.85
CA ARG A 181 -5.11 -28.46 31.54
C ARG A 181 -3.92 -29.04 32.33
N LEU A 182 -2.72 -28.58 32.00
CA LEU A 182 -1.53 -28.77 32.83
C LEU A 182 -1.24 -27.43 33.52
N ASN A 183 -0.29 -27.42 34.46
CA ASN A 183 0.06 -26.18 35.15
C ASN A 183 1.03 -25.39 34.28
N TRP A 184 0.50 -24.37 33.62
CA TRP A 184 1.23 -23.68 32.57
C TRP A 184 2.28 -22.72 33.12
N GLU A 185 1.99 -22.09 34.24
CA GLU A 185 2.96 -21.18 34.89
C GLU A 185 4.25 -21.90 35.28
N GLU A 186 4.11 -23.13 35.78
CA GLU A 186 5.23 -23.93 36.22
C GLU A 186 6.00 -24.48 35.01
N ILE A 187 5.27 -24.91 33.98
CA ILE A 187 5.91 -25.40 32.77
C ILE A 187 6.71 -24.29 32.08
N GLU A 188 6.24 -23.06 32.20
CA GLU A 188 6.93 -21.93 31.61
C GLU A 188 8.21 -21.67 32.38
N ARG A 189 8.15 -21.85 33.69
CA ARG A 189 9.35 -21.73 34.50
C ARG A 189 10.37 -22.76 34.05
N GLN A 190 9.94 -24.01 33.95
CA GLN A 190 10.80 -25.10 33.48
C GLN A 190 11.45 -24.77 32.14
N LEU A 191 10.63 -24.31 31.19
CA LEU A 191 11.14 -23.96 29.86
C LEU A 191 12.20 -22.86 29.92
N ASN A 192 11.95 -21.85 30.76
CA ASN A 192 12.90 -20.73 30.92
C ASN A 192 14.23 -21.14 31.58
N PHE A 193 14.19 -22.05 32.54
CA PHE A 193 15.40 -22.58 33.16
C PHE A 193 16.25 -23.29 32.13
N LEU A 194 15.61 -24.07 31.26
CA LEU A 194 16.29 -24.90 30.26
C LEU A 194 16.79 -24.14 29.05
N LEU A 195 16.08 -23.09 28.66
CA LEU A 195 16.28 -22.48 27.36
C LEU A 195 16.85 -21.07 27.36
N ARG A 196 16.61 -20.33 28.44
CA ARG A 196 17.06 -18.95 28.57
C ARG A 196 18.58 -18.89 28.63
N GLY A 197 19.19 -18.07 27.78
CA GLY A 197 20.64 -18.01 27.69
C GLY A 197 21.22 -18.97 26.66
N ARG A 198 20.43 -19.93 26.21
CA ARG A 198 20.84 -20.87 25.18
C ARG A 198 20.41 -20.32 23.84
N THR A 199 21.08 -20.71 22.77
CA THR A 199 20.75 -20.21 21.43
C THR A 199 19.80 -21.15 20.69
N VAL A 200 19.13 -20.63 19.65
CA VAL A 200 18.25 -21.42 18.81
C VAL A 200 19.10 -22.49 18.12
N GLY A 201 20.33 -22.14 17.76
CA GLY A 201 21.27 -23.08 17.15
C GLY A 201 21.58 -24.26 18.04
N GLU A 202 21.68 -24.03 19.34
CA GLU A 202 21.88 -25.11 20.29
C GLU A 202 20.70 -26.08 20.35
N VAL A 203 19.47 -25.53 20.30
CA VAL A 203 18.25 -26.33 20.27
C VAL A 203 18.19 -27.19 18.98
N LEU A 204 18.51 -26.58 17.83
CA LEU A 204 18.45 -27.27 16.53
C LEU A 204 19.45 -28.43 16.45
N MET A 205 20.59 -28.25 17.09
CA MET A 205 21.67 -29.22 17.12
C MET A 205 21.38 -30.39 18.07
N GLY A 206 20.43 -30.21 18.98
CA GLY A 206 20.03 -31.26 19.91
C GLY A 206 20.82 -31.28 21.21
N LYS A 207 21.47 -30.17 21.54
CA LYS A 207 22.29 -30.08 22.76
C LYS A 207 21.48 -30.09 24.05
N ILE A 208 20.24 -29.64 23.97
CA ILE A 208 19.38 -29.56 25.15
C ILE A 208 18.59 -30.86 25.31
N GLU A 209 19.30 -31.88 25.77
CA GLU A 209 18.77 -33.26 25.86
C GLU A 209 17.51 -33.35 26.72
N SER A 210 17.40 -32.50 27.74
CA SER A 210 16.26 -32.52 28.65
C SER A 210 14.91 -32.14 28.01
N LEU A 211 14.91 -31.62 26.78
CA LEU A 211 13.64 -31.31 26.10
C LEU A 211 12.81 -32.55 25.69
N LYS A 212 13.40 -33.74 25.66
CA LYS A 212 12.66 -34.95 25.28
C LYS A 212 12.05 -35.71 26.47
N GLY A 213 12.14 -35.14 27.67
CA GLY A 213 11.68 -35.78 28.90
C GLY A 213 10.18 -35.87 29.10
N SER A 214 9.42 -35.11 28.32
CA SER A 214 7.95 -35.20 28.32
C SER A 214 7.37 -34.87 26.93
N GLY A 215 6.07 -35.12 26.77
CA GLY A 215 5.41 -34.96 25.48
C GLY A 215 5.26 -33.51 25.08
N PHE A 216 4.94 -32.65 26.05
CA PHE A 216 4.79 -31.22 25.79
C PHE A 216 6.13 -30.57 25.48
N LEU A 217 7.17 -30.99 26.20
CA LEU A 217 8.52 -30.49 25.99
C LEU A 217 9.06 -30.87 24.62
N ARG A 218 8.64 -32.03 24.11
CA ARG A 218 8.97 -32.48 22.76
C ARG A 218 8.30 -31.60 21.71
N LEU A 219 7.08 -31.17 22.02
CA LEU A 219 6.34 -30.26 21.15
C LEU A 219 7.11 -28.96 21.02
N ILE A 220 7.55 -28.41 22.16
CA ILE A 220 8.30 -27.15 22.17
C ILE A 220 9.59 -27.26 21.37
N GLU A 221 10.30 -28.38 21.49
CA GLU A 221 11.55 -28.59 20.75
C GLU A 221 11.32 -28.60 19.24
N SER A 222 10.20 -29.17 18.79
CA SER A 222 9.88 -29.17 17.36
C SER A 222 9.44 -27.79 16.85
N LEU A 223 8.83 -26.97 17.71
CA LEU A 223 8.39 -25.62 17.32
C LEU A 223 9.58 -24.68 17.18
N ILE A 224 10.49 -24.73 18.14
CA ILE A 224 11.72 -23.93 18.09
C ILE A 224 12.61 -24.45 16.97
N GLY A 225 12.76 -25.77 16.92
CA GLY A 225 13.56 -26.43 15.92
C GLY A 225 12.80 -26.69 14.62
N GLU A 226 11.75 -25.93 14.36
CA GLU A 226 10.99 -26.05 13.11
C GLU A 226 11.96 -25.85 11.95
N THR A 227 11.89 -26.72 10.94
CA THR A 227 12.66 -26.53 9.73
C THR A 227 12.37 -25.17 9.11
N VAL A 228 13.37 -24.29 9.16
CA VAL A 228 13.35 -23.00 8.46
C VAL A 228 14.55 -22.95 7.52
N GLU A 229 14.27 -22.73 6.25
CA GLU A 229 15.30 -22.55 5.23
C GLU A 229 16.20 -21.38 5.69
N ARG A 230 17.46 -21.41 5.29
CA ARG A 230 18.39 -20.35 5.69
C ARG A 230 18.04 -19.05 4.96
N TYR A 231 17.47 -19.17 3.77
CA TYR A 231 17.05 -18.03 2.98
C TYR A 231 15.55 -18.06 2.78
N LEU A 232 14.92 -16.88 2.94
CA LEU A 232 13.54 -16.65 2.50
C LEU A 232 13.57 -16.23 1.03
N ASP A 233 12.81 -16.90 0.18
CA ASP A 233 12.76 -16.55 -1.24
C ASP A 233 11.38 -15.98 -1.62
N ALA A 234 11.35 -15.16 -2.65
CA ALA A 234 10.08 -14.63 -3.17
C ALA A 234 10.26 -14.20 -4.62
N GLY A 235 9.18 -14.19 -5.39
CA GLY A 235 9.21 -13.74 -6.77
C GLY A 235 9.67 -14.74 -7.84
N LEU A 236 9.70 -16.03 -7.54
CA LEU A 236 10.05 -17.03 -8.57
C LEU A 236 9.19 -16.88 -9.84
N GLU A 237 7.92 -16.56 -9.61
CA GLU A 237 6.95 -16.30 -10.65
C GLU A 237 7.36 -15.19 -11.62
N ASN A 238 8.04 -14.16 -11.12
CA ASN A 238 8.51 -13.06 -11.97
C ASN A 238 9.51 -13.54 -13.02
N LEU A 239 10.39 -14.45 -12.65
CA LEU A 239 11.37 -14.97 -13.60
C LEU A 239 10.72 -15.72 -14.77
N LEU A 240 9.60 -16.40 -14.48
CA LEU A 240 8.85 -17.12 -15.51
C LEU A 240 8.05 -16.23 -16.46
N LYS A 241 7.73 -15.01 -16.04
CA LYS A 241 6.99 -14.08 -16.92
C LYS A 241 7.93 -13.31 -17.84
N ASP A 242 9.21 -13.35 -17.54
CA ASP A 242 10.22 -12.61 -18.30
C ASP A 242 10.72 -13.34 -19.57
N GLU A 243 10.34 -12.79 -20.72
CA GLU A 243 10.56 -13.43 -22.01
C GLU A 243 12.02 -13.56 -22.38
N THR A 244 12.88 -12.78 -21.73
CA THR A 244 14.32 -12.84 -21.95
C THR A 244 15.01 -14.02 -21.26
N LEU A 245 14.29 -14.77 -20.42
CA LEU A 245 14.88 -15.88 -19.68
C LEU A 245 14.31 -17.20 -20.18
N THR A 246 15.13 -18.24 -20.20
CA THR A 246 14.68 -19.56 -20.61
C THR A 246 14.49 -20.43 -19.38
N LEU A 247 13.86 -21.58 -19.59
CA LEU A 247 13.69 -22.61 -18.58
C LEU A 247 15.03 -23.03 -18.00
N GLU A 248 16.01 -23.24 -18.87
CA GLU A 248 17.35 -23.61 -18.41
C GLU A 248 18.01 -22.51 -17.57
N ASP A 249 17.89 -21.25 -17.96
CA ASP A 249 18.42 -20.17 -17.13
C ASP A 249 17.86 -20.29 -15.71
N ILE A 250 16.56 -20.52 -15.62
CA ILE A 250 15.88 -20.54 -14.33
C ILE A 250 16.26 -21.76 -13.48
N ARG A 251 16.30 -22.94 -14.09
CA ARG A 251 16.81 -24.12 -13.41
C ARG A 251 18.25 -23.86 -12.94
N ASN A 252 19.06 -23.24 -13.77
CA ASN A 252 20.46 -22.96 -13.39
C ASN A 252 20.52 -22.07 -12.17
N LEU A 253 19.65 -21.08 -12.10
CA LEU A 253 19.65 -20.17 -10.97
C LEU A 253 19.28 -20.91 -9.68
N LEU A 254 18.20 -21.70 -9.75
CA LEU A 254 17.69 -22.38 -8.57
C LEU A 254 18.73 -23.35 -8.04
N GLU A 255 19.50 -23.96 -8.94
CA GLU A 255 20.62 -24.79 -8.53
C GLU A 255 21.78 -24.00 -7.87
N GLU A 256 22.20 -22.89 -8.45
CA GLU A 256 23.45 -22.21 -8.03
C GLU A 256 23.27 -21.43 -6.73
N VAL A 257 22.07 -20.95 -6.55
CA VAL A 257 21.63 -20.23 -5.38
C VAL A 257 21.72 -21.04 -4.06
N LYS A 258 21.77 -22.36 -4.15
CA LYS A 258 22.00 -23.23 -2.98
C LYS A 258 23.46 -23.25 -2.53
N ASP A 259 24.37 -22.81 -3.39
CA ASP A 259 25.81 -22.76 -3.10
C ASP A 259 26.10 -21.50 -2.28
N GLN A 260 26.15 -21.63 -0.95
CA GLN A 260 26.33 -20.46 -0.08
C GLN A 260 27.68 -19.76 -0.26
N LYS A 261 28.74 -20.53 -0.44
CA LYS A 261 30.06 -20.01 -0.73
C LYS A 261 30.04 -19.12 -1.99
N PHE A 262 29.36 -19.57 -3.04
CA PHE A 262 29.15 -18.76 -4.22
C PHE A 262 28.32 -17.51 -3.92
N LEU A 263 27.20 -17.63 -3.21
CA LEU A 263 26.41 -16.44 -2.87
C LEU A 263 27.22 -15.42 -2.10
N GLU A 264 28.06 -15.91 -1.18
CA GLU A 264 28.87 -15.02 -0.35
C GLU A 264 29.91 -14.27 -1.19
N SER A 265 30.43 -14.92 -2.24
CA SER A 265 31.42 -14.32 -3.13
C SER A 265 30.84 -13.18 -3.98
N LEU A 266 29.51 -13.18 -4.17
CA LEU A 266 28.83 -12.12 -4.90
C LEU A 266 28.82 -10.79 -4.17
N VAL A 267 28.76 -10.86 -2.85
CA VAL A 267 28.49 -9.68 -2.05
C VAL A 267 29.80 -8.90 -1.82
N GLY A 268 29.76 -7.61 -2.10
CA GLY A 268 30.90 -6.73 -1.95
C GLY A 268 30.75 -5.79 -0.75
N GLU A 269 31.37 -4.62 -0.86
CA GLU A 269 31.28 -3.54 0.15
C GLU A 269 30.15 -2.59 -0.22
N GLY A 270 29.10 -2.60 0.58
CA GLY A 270 27.90 -1.84 0.27
C GLY A 270 27.09 -2.50 -0.83
N ILE A 271 26.17 -1.75 -1.41
CA ILE A 271 25.31 -2.26 -2.44
C ILE A 271 26.04 -2.28 -3.78
N THR A 272 26.03 -3.42 -4.46
CA THR A 272 26.60 -3.55 -5.81
C THR A 272 25.67 -4.33 -6.73
N VAL A 273 25.95 -4.24 -8.02
CA VAL A 273 25.34 -5.12 -9.00
C VAL A 273 26.42 -5.90 -9.74
N ARG A 274 26.15 -7.16 -10.03
CA ARG A 274 26.99 -7.97 -10.89
C ARG A 274 26.14 -8.34 -12.10
N ILE A 275 26.59 -7.92 -13.28
CA ILE A 275 25.86 -8.09 -14.53
C ILE A 275 26.54 -9.16 -15.37
N GLY A 276 25.77 -10.16 -15.79
CA GLY A 276 26.24 -11.19 -16.70
C GLY A 276 27.53 -11.88 -16.30
N ARG A 277 28.58 -11.69 -17.10
CA ARG A 277 29.87 -12.29 -16.81
C ARG A 277 30.46 -11.90 -15.43
N GLU A 278 30.03 -10.76 -14.88
CA GLU A 278 30.52 -10.31 -13.58
C GLU A 278 30.12 -11.28 -12.45
N ILE A 279 29.07 -12.07 -12.67
CA ILE A 279 28.56 -13.01 -11.66
C ILE A 279 29.57 -14.13 -11.36
N GLY A 280 30.23 -14.63 -12.39
CA GLY A 280 31.30 -15.58 -12.23
C GLY A 280 30.98 -17.00 -12.63
N ARG A 281 29.75 -17.26 -13.10
CA ARG A 281 29.40 -18.60 -13.59
C ARG A 281 28.61 -18.46 -14.87
N LYS A 282 29.11 -19.09 -15.92
CA LYS A 282 28.51 -18.99 -17.26
C LYS A 282 27.01 -19.35 -17.27
N LYS A 283 26.60 -20.30 -16.45
CA LYS A 283 25.21 -20.73 -16.41
C LYS A 283 24.25 -19.61 -15.99
N LEU A 284 24.78 -18.59 -15.33
CA LEU A 284 24.01 -17.45 -14.86
C LEU A 284 24.26 -16.16 -15.67
N GLU A 285 24.81 -16.29 -16.87
CA GLU A 285 25.18 -15.14 -17.72
C GLU A 285 24.03 -14.25 -18.13
N LYS A 286 22.82 -14.77 -18.13
CA LYS A 286 21.60 -14.02 -18.49
C LYS A 286 21.06 -13.09 -17.42
N PHE A 287 21.62 -13.18 -16.21
CA PHE A 287 21.12 -12.47 -15.02
C PHE A 287 21.97 -11.26 -14.64
N ALA A 288 21.36 -10.37 -13.86
CA ALA A 288 22.04 -9.41 -13.01
C ALA A 288 21.62 -9.71 -11.55
N VAL A 289 22.54 -9.52 -10.62
CA VAL A 289 22.23 -9.62 -9.18
C VAL A 289 22.61 -8.36 -8.44
N PHE A 290 21.67 -7.79 -7.71
CA PHE A 290 21.98 -6.80 -6.69
C PHE A 290 22.19 -7.51 -5.38
N SER A 291 23.21 -7.12 -4.65
CA SER A 291 23.44 -7.69 -3.36
C SER A 291 23.88 -6.62 -2.37
N GLY A 292 23.67 -6.92 -1.10
CA GLY A 292 23.99 -6.03 0.00
C GLY A 292 23.65 -6.71 1.31
N LYS A 293 23.99 -6.08 2.43
CA LYS A 293 23.68 -6.63 3.74
C LYS A 293 22.76 -5.69 4.50
N TYR A 294 21.96 -6.26 5.39
CA TYR A 294 21.23 -5.50 6.40
C TYR A 294 21.94 -5.71 7.74
N PHE A 295 21.87 -4.69 8.60
CA PHE A 295 22.70 -4.59 9.77
C PHE A 295 21.89 -4.34 11.05
N LYS A 296 22.45 -4.79 12.16
CA LYS A 296 22.08 -4.32 13.49
C LYS A 296 23.20 -3.42 13.98
N GLY A 297 23.08 -2.12 13.74
CA GLY A 297 24.14 -1.18 14.05
C GLY A 297 25.27 -1.37 13.04
N GLU A 298 26.47 -1.65 13.52
CA GLU A 298 27.60 -1.98 12.65
C GLU A 298 27.68 -3.47 12.28
N SER A 299 26.92 -4.32 12.95
CA SER A 299 27.00 -5.79 12.73
C SER A 299 26.11 -6.29 11.60
N PRO A 300 26.66 -6.91 10.57
CA PRO A 300 25.81 -7.48 9.51
C PRO A 300 25.01 -8.66 10.05
N ILE A 301 23.71 -8.68 9.82
CA ILE A 301 22.86 -9.79 10.24
C ILE A 301 22.69 -10.82 9.12
N GLY A 302 22.58 -10.34 7.87
CA GLY A 302 22.44 -11.20 6.72
C GLY A 302 22.61 -10.46 5.39
N SER A 303 22.74 -11.21 4.32
CA SER A 303 22.78 -10.67 2.97
C SER A 303 21.41 -10.79 2.26
N VAL A 304 21.17 -9.86 1.34
CA VAL A 304 20.01 -9.83 0.47
C VAL A 304 20.46 -9.88 -0.97
N TYR A 305 19.77 -10.67 -1.79
CA TYR A 305 20.06 -10.85 -3.21
C TYR A 305 18.80 -10.64 -4.04
N LEU A 306 18.91 -9.82 -5.09
CA LEU A 306 17.88 -9.66 -6.11
C LEU A 306 18.43 -10.13 -7.46
N PHE A 307 17.80 -11.14 -8.03
CA PHE A 307 18.16 -11.66 -9.33
C PHE A 307 17.08 -11.26 -10.31
N THR A 308 17.48 -10.69 -11.44
CA THR A 308 16.59 -10.43 -12.55
C THR A 308 17.28 -10.82 -13.81
N SER A 309 16.57 -10.81 -14.92
CA SER A 309 17.23 -10.68 -16.20
C SER A 309 18.15 -9.44 -16.19
N LYS A 310 19.27 -9.53 -16.90
CA LYS A 310 20.15 -8.36 -17.08
C LYS A 310 19.55 -7.33 -18.01
N VAL A 311 18.48 -7.71 -18.72
CA VAL A 311 17.64 -6.77 -19.47
C VAL A 311 16.56 -6.28 -18.53
N THR A 312 16.90 -5.27 -17.74
CA THR A 312 16.02 -4.82 -16.67
C THR A 312 16.20 -3.33 -16.40
N LYS A 313 15.28 -2.75 -15.67
CA LYS A 313 15.35 -1.34 -15.32
C LYS A 313 16.27 -1.11 -14.13
N TYR A 314 17.57 -0.90 -14.40
CA TYR A 314 18.60 -0.85 -13.37
C TYR A 314 18.37 0.25 -12.32
N ASP A 315 17.93 1.42 -12.75
CA ASP A 315 17.74 2.57 -11.85
C ASP A 315 16.61 2.25 -10.89
N ARG A 316 15.52 1.71 -11.40
CA ARG A 316 14.40 1.32 -10.55
C ARG A 316 14.87 0.26 -9.54
N ASN A 317 15.60 -0.74 -10.01
CA ASN A 317 16.02 -1.85 -9.16
C ASN A 317 16.96 -1.41 -8.04
N HIS A 318 17.89 -0.52 -8.38
CA HIS A 318 18.84 0.05 -7.42
C HIS A 318 18.10 0.83 -6.36
N ARG A 319 17.18 1.68 -6.79
CA ARG A 319 16.42 2.52 -5.88
C ARG A 319 15.60 1.69 -4.89
N VAL A 320 14.88 0.71 -5.39
CA VAL A 320 14.01 -0.11 -4.58
C VAL A 320 14.83 -0.97 -3.61
N PHE A 321 15.97 -1.47 -4.07
CA PHE A 321 16.80 -2.40 -3.31
C PHE A 321 17.41 -1.66 -2.17
N GLU A 322 18.01 -0.52 -2.48
CA GLU A 322 18.60 0.32 -1.46
C GLU A 322 17.58 0.80 -0.38
N TYR A 323 16.40 1.25 -0.78
CA TYR A 323 15.38 1.66 0.20
C TYR A 323 15.04 0.53 1.17
N ILE A 324 14.77 -0.67 0.65
CA ILE A 324 14.33 -1.79 1.48
C ILE A 324 15.44 -2.26 2.41
N LEU A 325 16.64 -2.36 1.89
CA LEU A 325 17.79 -2.71 2.70
C LEU A 325 17.95 -1.74 3.85
N ASN A 326 17.89 -0.45 3.58
CA ASN A 326 17.96 0.57 4.64
C ASN A 326 16.82 0.42 5.66
N ARG A 327 15.64 -0.01 5.20
CA ARG A 327 14.51 -0.26 6.11
C ARG A 327 14.74 -1.46 6.99
N LEU A 328 15.38 -2.48 6.45
CA LEU A 328 15.64 -3.68 7.21
C LEU A 328 16.66 -3.38 8.28
N SER A 329 17.70 -2.64 7.91
CA SER A 329 18.69 -2.20 8.87
C SER A 329 18.05 -1.39 9.98
N GLU A 330 17.06 -0.57 9.62
CA GLU A 330 16.36 0.24 10.63
C GLU A 330 15.55 -0.62 11.60
N TYR A 331 14.79 -1.56 11.04
CA TYR A 331 14.04 -2.49 11.87
C TYR A 331 15.00 -3.26 12.81
N PHE A 332 16.03 -3.87 12.27
CA PHE A 332 16.90 -4.75 13.08
C PHE A 332 17.73 -3.97 14.11
N THR A 333 18.12 -2.75 13.74
CA THR A 333 18.90 -1.87 14.60
C THR A 333 18.06 -1.24 15.73
N SER A 334 16.81 -0.92 15.45
CA SER A 334 15.94 -0.30 16.44
C SER A 334 15.46 -1.35 17.43
N THR A 335 15.39 -2.58 16.96
CA THR A 335 15.16 -3.73 17.81
C THR A 335 16.54 -4.07 18.39
N SER A 336 17.03 -3.17 19.25
CA SER A 336 18.43 -3.12 19.70
C SER A 336 18.47 -3.54 21.13
N ALA B 11 -30.24 63.76 18.90
CA ALA B 11 -30.18 62.29 18.72
C ALA B 11 -31.28 61.86 17.76
N LEU B 12 -32.50 61.76 18.28
CA LEU B 12 -33.67 61.34 17.50
C LEU B 12 -34.61 62.54 17.34
N LYS B 13 -34.82 63.25 18.45
CA LYS B 13 -35.68 64.43 18.45
C LYS B 13 -34.88 65.74 18.50
N LYS B 14 -33.55 65.66 18.61
CA LYS B 14 -32.70 66.85 18.75
C LYS B 14 -32.42 67.58 17.43
N LEU B 15 -32.36 66.84 16.32
CA LEU B 15 -32.12 67.45 15.00
C LEU B 15 -33.40 67.54 14.19
N ASN B 16 -33.58 68.63 13.45
CA ASN B 16 -34.70 68.73 12.50
C ASN B 16 -34.38 68.03 11.17
N ASP B 17 -35.37 67.94 10.29
CA ASP B 17 -35.22 67.31 8.98
C ASP B 17 -34.01 67.85 8.23
N ARG B 18 -33.90 69.16 8.11
CA ARG B 18 -32.80 69.80 7.39
C ARG B 18 -31.44 69.38 7.95
N GLN B 19 -31.31 69.38 9.26
CA GLN B 19 -30.05 69.11 9.92
C GLN B 19 -29.61 67.64 9.76
N ARG B 20 -30.58 66.74 9.67
CA ARG B 20 -30.31 65.33 9.41
C ARG B 20 -29.78 65.20 8.00
N LYS B 21 -30.40 65.95 7.09
CA LYS B 21 -29.98 66.02 5.68
C LYS B 21 -28.53 66.50 5.56
N VAL B 22 -28.23 67.60 6.25
CA VAL B 22 -26.90 68.22 6.22
C VAL B 22 -25.86 67.21 6.71
N LEU B 23 -26.18 66.49 7.78
CA LEU B 23 -25.25 65.48 8.31
C LEU B 23 -25.02 64.36 7.30
N TYR B 24 -26.12 63.90 6.71
CA TYR B 24 -26.06 62.82 5.75
C TYR B 24 -25.18 63.23 4.58
N CYS B 25 -25.34 64.47 4.11
CA CYS B 25 -24.55 65.01 2.99
C CYS B 25 -23.07 65.20 3.34
N ILE B 26 -22.79 65.80 4.49
CA ILE B 26 -21.42 65.88 4.98
C ILE B 26 -20.74 64.51 4.98
N VAL B 27 -21.45 63.48 5.45
CA VAL B 27 -20.86 62.13 5.48
C VAL B 27 -20.70 61.50 4.11
N ARG B 28 -21.69 61.62 3.22
CA ARG B 28 -21.60 61.04 1.89
C ARG B 28 -20.45 61.68 1.10
N GLU B 29 -20.24 62.97 1.32
CA GLU B 29 -19.25 63.74 0.58
C GLU B 29 -17.85 63.47 1.15
N TYR B 30 -17.79 63.17 2.45
CA TYR B 30 -16.53 62.85 3.10
C TYR B 30 -16.04 61.48 2.63
N ILE B 31 -16.92 60.48 2.63
CA ILE B 31 -16.60 59.17 2.07
C ILE B 31 -16.04 59.38 0.67
N GLU B 32 -16.73 60.21 -0.11
CA GLU B 32 -16.42 60.41 -1.51
C GLU B 32 -15.04 61.01 -1.79
N ASN B 33 -14.76 62.20 -1.24
CA ASN B 33 -13.54 62.93 -1.56
C ASN B 33 -12.52 63.04 -0.43
N LYS B 34 -12.90 62.58 0.76
CA LYS B 34 -11.99 62.32 1.88
C LYS B 34 -11.34 63.56 2.48
N LYS B 35 -11.99 64.71 2.29
CA LYS B 35 -11.52 65.98 2.82
C LYS B 35 -12.62 66.62 3.67
N PRO B 36 -12.24 67.53 4.58
CA PRO B 36 -13.23 68.28 5.34
C PRO B 36 -14.26 68.98 4.44
N VAL B 37 -15.54 68.90 4.81
CA VAL B 37 -16.63 69.45 4.02
C VAL B 37 -17.07 70.78 4.63
N SER B 38 -17.15 71.81 3.80
CA SER B 38 -17.58 73.15 4.23
C SER B 38 -19.07 73.32 3.99
N SER B 39 -19.65 74.41 4.51
CA SER B 39 -21.09 74.65 4.35
C SER B 39 -21.41 74.96 2.87
N GLN B 40 -20.52 75.66 2.20
CA GLN B 40 -20.67 75.91 0.77
C GLN B 40 -20.61 74.61 -0.05
N ARG B 41 -19.77 73.67 0.37
CA ARG B 41 -19.65 72.39 -0.32
C ARG B 41 -20.93 71.57 -0.11
N VAL B 42 -21.49 71.54 1.10
CA VAL B 42 -22.78 70.90 1.34
C VAL B 42 -23.83 71.39 0.33
N LEU B 43 -23.83 72.70 0.09
CA LEU B 43 -24.80 73.33 -0.80
C LEU B 43 -24.59 72.89 -2.25
N GLU B 44 -23.33 72.78 -2.64
CA GLU B 44 -22.93 72.44 -4.00
C GLU B 44 -23.22 70.98 -4.41
N VAL B 45 -23.22 70.07 -3.44
CA VAL B 45 -23.40 68.64 -3.71
C VAL B 45 -24.80 68.15 -3.32
N SER B 46 -25.64 69.06 -2.81
CA SER B 46 -27.00 68.72 -2.39
C SER B 46 -28.03 69.57 -3.16
N ASN B 47 -29.30 69.36 -2.83
CA ASN B 47 -30.40 70.22 -3.27
C ASN B 47 -31.04 70.97 -2.09
N ILE B 48 -30.25 71.27 -1.07
CA ILE B 48 -30.71 72.02 0.10
C ILE B 48 -30.95 73.49 -0.30
N GLU B 49 -32.16 73.99 -0.07
CA GLU B 49 -32.55 75.33 -0.52
C GLU B 49 -32.48 76.41 0.57
N PHE B 50 -31.35 76.46 1.27
CA PHE B 50 -31.06 77.48 2.29
C PHE B 50 -29.68 78.11 2.06
N SER B 51 -29.47 79.28 2.66
CA SER B 51 -28.17 79.97 2.68
C SER B 51 -27.07 79.07 3.23
N SER B 52 -25.83 79.26 2.77
CA SER B 52 -24.68 78.59 3.36
C SER B 52 -24.51 78.98 4.84
N ALA B 53 -24.98 80.18 5.19
CA ALA B 53 -24.98 80.67 6.55
C ALA B 53 -25.86 79.81 7.47
N THR B 54 -27.05 79.48 7.00
CA THR B 54 -27.94 78.58 7.73
C THR B 54 -27.30 77.19 7.89
N ILE B 55 -26.71 76.68 6.82
CA ILE B 55 -26.02 75.39 6.86
C ILE B 55 -24.87 75.41 7.84
N ARG B 56 -24.15 76.53 7.90
CA ARG B 56 -23.03 76.67 8.84
C ARG B 56 -23.55 76.63 10.30
N ASN B 57 -24.69 77.26 10.57
CA ASN B 57 -25.30 77.18 11.90
C ASN B 57 -25.73 75.77 12.26
N ASP B 58 -26.29 75.06 11.30
CA ASP B 58 -26.63 73.65 11.50
C ASP B 58 -25.40 72.83 11.81
N MET B 59 -24.29 73.14 11.15
CA MET B 59 -23.04 72.42 11.39
C MET B 59 -22.49 72.73 12.78
N LYS B 60 -22.80 73.92 13.29
CA LYS B 60 -22.46 74.28 14.68
C LYS B 60 -23.16 73.36 15.67
N LYS B 61 -24.46 73.15 15.47
CA LYS B 61 -25.26 72.24 16.28
C LYS B 61 -24.76 70.81 16.14
N LEU B 62 -24.56 70.37 14.91
CA LEU B 62 -24.00 69.05 14.65
C LEU B 62 -22.67 68.86 15.40
N GLU B 63 -21.83 69.90 15.46
CA GLU B 63 -20.55 69.79 16.13
C GLU B 63 -20.73 69.76 17.66
N TYR B 64 -21.66 70.57 18.17
CA TYR B 64 -21.90 70.66 19.61
C TYR B 64 -22.37 69.29 20.12
N LEU B 65 -23.23 68.62 19.34
CA LEU B 65 -23.82 67.35 19.73
C LEU B 65 -22.96 66.12 19.45
N GLY B 66 -21.79 66.29 18.83
CA GLY B 66 -20.80 65.23 18.69
C GLY B 66 -20.82 64.46 17.39
N TYR B 67 -21.59 64.96 16.41
CA TYR B 67 -21.74 64.29 15.11
C TYR B 67 -20.63 64.62 14.12
N ILE B 68 -20.09 65.83 14.19
CA ILE B 68 -18.95 66.25 13.39
C ILE B 68 -17.93 67.01 14.23
N TYR B 69 -16.72 67.16 13.72
CA TYR B 69 -15.67 67.92 14.39
C TYR B 69 -14.71 68.60 13.41
N GLN B 70 -13.90 69.50 13.95
CA GLN B 70 -12.97 70.30 13.17
C GLN B 70 -11.61 69.62 13.22
N PRO B 71 -11.08 69.17 12.08
CA PRO B 71 -9.74 68.59 12.00
C PRO B 71 -8.60 69.44 12.65
N HIS B 72 -8.04 70.42 11.95
CA HIS B 72 -7.01 71.27 12.52
C HIS B 72 -7.60 72.67 12.72
N THR B 73 -7.34 73.59 11.79
CA THR B 73 -7.96 74.92 11.79
C THR B 73 -8.58 75.21 10.40
N SER B 74 -8.95 74.15 9.70
CA SER B 74 -9.62 74.26 8.40
C SER B 74 -11.10 74.62 8.53
N ALA B 75 -11.62 75.28 7.49
CA ALA B 75 -13.00 75.77 7.47
C ALA B 75 -14.04 74.64 7.39
N GLY B 76 -13.61 73.45 6.97
CA GLY B 76 -14.51 72.32 6.84
C GLY B 76 -14.53 71.41 8.05
N ARG B 77 -15.52 70.52 8.08
CA ARG B 77 -15.69 69.58 9.18
C ARG B 77 -15.73 68.13 8.68
N ILE B 78 -15.43 67.22 9.58
CA ILE B 78 -15.42 65.78 9.29
C ILE B 78 -16.34 65.08 10.27
N PRO B 79 -17.04 64.02 9.85
CA PRO B 79 -17.85 63.26 10.79
C PRO B 79 -17.02 62.58 11.87
N THR B 80 -17.56 62.53 13.08
CA THR B 80 -17.03 61.68 14.14
C THR B 80 -17.61 60.29 13.91
N ASP B 81 -17.23 59.34 14.76
CA ASP B 81 -17.72 57.99 14.68
C ASP B 81 -19.21 57.93 14.88
N LYS B 82 -19.73 58.81 15.75
CA LYS B 82 -21.16 58.99 15.98
C LYS B 82 -21.86 59.47 14.71
N GLY B 83 -21.23 60.40 14.01
CA GLY B 83 -21.68 60.82 12.70
C GLY B 83 -21.74 59.70 11.68
N LEU B 84 -20.70 58.88 11.62
CA LEU B 84 -20.63 57.80 10.64
C LEU B 84 -21.70 56.76 10.94
N ARG B 85 -21.98 56.56 12.23
CA ARG B 85 -22.98 55.60 12.69
C ARG B 85 -24.39 56.07 12.32
N PHE B 86 -24.67 57.34 12.55
CA PHE B 86 -25.91 57.95 12.09
C PHE B 86 -26.11 57.72 10.60
N TYR B 87 -25.07 57.97 9.80
CA TYR B 87 -25.15 57.77 8.35
C TYR B 87 -25.45 56.32 7.98
N TYR B 88 -24.79 55.38 8.67
CA TYR B 88 -24.98 53.97 8.39
C TYR B 88 -26.43 53.52 8.63
N GLU B 89 -26.98 53.90 9.78
CA GLU B 89 -28.38 53.64 10.14
C GLU B 89 -29.35 54.28 9.15
N GLU B 90 -29.04 55.51 8.73
CA GLU B 90 -29.88 56.21 7.76
C GLU B 90 -29.82 55.51 6.40
N MET B 91 -28.64 55.02 6.04
CA MET B 91 -28.41 54.40 4.75
C MET B 91 -29.04 53.00 4.68
N LEU B 92 -29.40 52.45 5.84
CA LEU B 92 -30.14 51.19 5.93
C LEU B 92 -31.63 51.40 5.63
N LYS B 93 -32.22 52.40 6.29
CA LYS B 93 -33.64 52.75 6.12
C LYS B 93 -34.00 52.92 4.63
N ILE B 94 -33.17 53.66 3.91
CA ILE B 94 -33.36 53.90 2.48
C ILE B 94 -33.02 52.62 1.71
N SER B 95 -34.03 51.75 1.54
CA SER B 95 -33.87 50.47 0.87
C SER B 95 -35.24 49.91 0.47
N MET B 111 -21.65 27.98 -9.69
CA MET B 111 -20.88 26.86 -10.26
C MET B 111 -20.71 25.76 -9.21
N PRO B 112 -20.83 24.49 -9.62
CA PRO B 112 -20.90 23.36 -8.69
C PRO B 112 -19.57 22.84 -8.17
N LEU B 113 -18.74 23.71 -7.62
CA LEU B 113 -17.49 23.24 -7.04
C LEU B 113 -17.79 22.40 -5.81
N ALA B 114 -16.95 21.40 -5.56
CA ALA B 114 -17.14 20.50 -4.43
C ALA B 114 -16.05 20.66 -3.37
N ASP B 115 -15.11 21.58 -3.59
CA ASP B 115 -14.01 21.77 -2.65
C ASP B 115 -14.27 23.03 -1.81
N PRO B 116 -14.59 22.86 -0.53
CA PRO B 116 -15.02 24.01 0.30
C PRO B 116 -13.94 25.08 0.42
N GLU B 117 -12.68 24.64 0.49
CA GLU B 117 -11.53 25.53 0.53
C GLU B 117 -11.43 26.44 -0.69
N LYS B 118 -11.73 25.90 -1.87
CA LYS B 118 -11.80 26.69 -3.11
C LYS B 118 -12.95 27.69 -3.05
N VAL B 119 -14.10 27.28 -2.53
CA VAL B 119 -15.25 28.17 -2.40
C VAL B 119 -14.96 29.33 -1.45
N LEU B 120 -14.26 29.05 -0.36
CA LEU B 120 -13.91 30.10 0.61
C LEU B 120 -12.90 31.09 0.02
N PHE B 121 -11.96 30.57 -0.79
CA PHE B 121 -10.91 31.37 -1.40
C PHE B 121 -11.52 32.31 -2.41
N LEU B 122 -12.43 31.81 -3.22
CA LEU B 122 -13.09 32.66 -4.24
C LEU B 122 -13.98 33.73 -3.58
N ALA B 123 -14.73 33.37 -2.54
CA ALA B 123 -15.59 34.33 -1.86
C ALA B 123 -14.75 35.42 -1.17
N GLY B 124 -13.70 35.01 -0.48
CA GLY B 124 -12.80 35.94 0.20
C GLY B 124 -12.22 36.99 -0.74
N ASN B 125 -11.73 36.55 -1.87
CA ASN B 125 -11.11 37.45 -2.83
C ASN B 125 -12.12 38.35 -3.56
N LEU B 126 -13.34 37.86 -3.78
CA LEU B 126 -14.40 38.66 -4.39
C LEU B 126 -14.75 39.76 -3.40
N LEU B 127 -15.09 39.35 -2.20
CA LEU B 127 -15.42 40.29 -1.13
C LEU B 127 -14.36 41.41 -1.03
N ALA B 128 -13.08 41.02 -1.02
CA ALA B 128 -11.96 41.97 -0.85
C ALA B 128 -11.84 42.98 -1.99
N ARG B 129 -11.87 42.48 -3.21
CA ARG B 129 -11.80 43.32 -4.40
C ARG B 129 -12.95 44.34 -4.53
N LEU B 130 -14.19 43.92 -4.25
CA LEU B 130 -15.34 44.79 -4.50
C LEU B 130 -15.51 45.85 -3.41
N THR B 131 -14.98 45.60 -2.21
CA THR B 131 -15.05 46.56 -1.10
C THR B 131 -13.75 47.31 -0.81
N GLU B 132 -12.68 46.97 -1.55
CA GLU B 132 -11.34 47.47 -1.28
C GLU B 132 -10.93 47.28 0.19
N GLY B 133 -11.21 46.09 0.71
CA GLY B 133 -10.93 45.80 2.10
C GLY B 133 -10.05 44.59 2.33
N TYR B 134 -9.89 44.26 3.61
CA TYR B 134 -9.08 43.15 4.09
C TYR B 134 -10.04 42.14 4.74
N VAL B 135 -10.03 40.92 4.23
CA VAL B 135 -11.03 39.92 4.58
C VAL B 135 -10.40 38.77 5.35
N LEU B 136 -11.02 38.39 6.45
CA LEU B 136 -10.70 37.13 7.10
C LEU B 136 -11.93 36.23 7.02
N ILE B 137 -11.76 35.02 6.50
CA ILE B 137 -12.79 33.99 6.56
C ILE B 137 -12.27 32.85 7.41
N GLU B 138 -12.93 32.62 8.54
CA GLU B 138 -12.62 31.49 9.41
C GLU B 138 -13.03 30.18 8.73
N ARG B 139 -12.08 29.27 8.56
CA ARG B 139 -12.34 27.94 7.98
C ARG B 139 -13.16 27.12 8.95
N PRO B 140 -13.92 26.15 8.44
CA PRO B 140 -14.58 25.19 9.32
C PRO B 140 -13.56 24.63 10.34
N ASN B 141 -13.92 24.63 11.62
CA ASN B 141 -13.09 24.08 12.68
C ASN B 141 -12.57 22.66 12.35
N THR B 142 -11.25 22.50 12.30
CA THR B 142 -10.67 21.20 11.96
C THR B 142 -10.74 20.18 13.10
N ARG B 143 -10.97 20.64 14.32
CA ARG B 143 -11.12 19.73 15.48
C ARG B 143 -12.36 18.84 15.36
N ASP B 144 -13.40 19.34 14.69
CA ASP B 144 -14.62 18.56 14.49
C ASP B 144 -14.75 17.98 13.08
N LEU B 145 -13.80 18.28 12.21
CA LEU B 145 -13.90 17.91 10.81
C LEU B 145 -13.53 16.42 10.58
N LYS B 146 -14.53 15.57 10.66
CA LYS B 146 -14.36 14.13 10.49
C LYS B 146 -14.03 13.76 9.04
N ILE B 147 -13.07 12.86 8.87
CA ILE B 147 -12.76 12.27 7.58
C ILE B 147 -13.75 11.14 7.29
N LEU B 148 -14.56 11.32 6.27
CA LEU B 148 -15.60 10.37 5.92
C LEU B 148 -15.03 9.30 4.99
N ARG B 149 -14.07 9.69 4.16
CA ARG B 149 -13.46 8.77 3.21
C ARG B 149 -12.12 9.30 2.74
N VAL B 150 -11.21 8.38 2.43
CA VAL B 150 -9.94 8.70 1.82
C VAL B 150 -9.91 8.06 0.43
N MET B 151 -9.49 8.84 -0.55
CA MET B 151 -9.48 8.41 -1.95
C MET B 151 -8.06 8.42 -2.50
N LEU B 152 -7.72 7.38 -3.23
CA LEU B 152 -6.45 7.27 -3.95
C LEU B 152 -6.77 6.78 -5.34
N ILE B 153 -6.95 7.70 -6.27
CA ILE B 153 -7.39 7.43 -7.63
C ILE B 153 -6.19 7.43 -8.64
N PRO B 154 -5.78 6.27 -9.17
CA PRO B 154 -4.84 6.29 -10.30
C PRO B 154 -5.49 6.93 -11.54
N VAL B 155 -4.88 7.97 -12.11
CA VAL B 155 -5.39 8.58 -13.35
C VAL B 155 -4.65 8.05 -14.58
N SER B 156 -3.36 7.75 -14.41
CA SER B 156 -2.58 7.00 -15.39
C SER B 156 -1.53 6.14 -14.67
N GLU B 157 -0.62 5.57 -15.45
CA GLU B 157 0.58 4.93 -14.93
C GLU B 157 1.48 5.91 -14.14
N ASP B 158 1.37 7.21 -14.44
CA ASP B 158 2.29 8.22 -13.90
C ASP B 158 1.79 9.01 -12.69
N TYR B 159 0.47 8.98 -12.45
CA TYR B 159 -0.13 9.87 -11.46
C TYR B 159 -1.30 9.21 -10.76
N LEU B 160 -1.43 9.50 -9.48
CA LEU B 160 -2.68 9.26 -8.82
C LEU B 160 -3.14 10.55 -8.11
N ILE B 161 -4.41 10.62 -7.79
CA ILE B 161 -4.98 11.76 -7.12
C ILE B 161 -5.37 11.32 -5.72
N PHE B 162 -4.89 12.06 -4.75
CA PHE B 162 -5.27 11.87 -3.36
C PHE B 162 -6.32 12.91 -3.00
N SER B 163 -7.30 12.50 -2.21
CA SER B 163 -8.23 13.42 -1.57
C SER B 163 -8.90 12.78 -0.35
N ILE B 164 -9.62 13.62 0.42
CA ILE B 164 -10.52 13.15 1.44
C ILE B 164 -11.93 13.72 1.20
N LEU B 165 -12.94 12.99 1.65
CA LEU B 165 -14.30 13.48 1.74
C LEU B 165 -14.57 13.91 3.19
N THR B 166 -15.09 15.12 3.38
CA THR B 166 -15.67 15.51 4.67
C THR B 166 -17.13 15.84 4.45
N GLU B 167 -17.84 16.22 5.50
CA GLU B 167 -19.24 16.62 5.38
C GLU B 167 -19.43 17.86 4.50
N PHE B 168 -18.35 18.64 4.30
CA PHE B 168 -18.40 19.84 3.46
C PHE B 168 -17.90 19.62 2.03
N GLY B 169 -17.52 18.40 1.66
CA GLY B 169 -17.10 18.10 0.30
C GLY B 169 -15.75 17.42 0.18
N VAL B 170 -15.09 17.62 -0.95
CA VAL B 170 -13.84 16.93 -1.28
C VAL B 170 -12.71 17.93 -1.11
N SER B 171 -11.74 17.59 -0.26
CA SER B 171 -10.60 18.48 -0.08
C SER B 171 -9.24 17.76 -0.03
N LYS B 172 -8.19 18.56 0.06
CA LYS B 172 -6.81 18.11 0.10
C LYS B 172 -6.49 17.39 -1.18
N VAL B 173 -7.10 17.86 -2.26
CA VAL B 173 -6.99 17.20 -3.55
C VAL B 173 -5.58 17.43 -4.11
N THR B 174 -4.88 16.34 -4.39
CA THR B 174 -3.45 16.40 -4.64
C THR B 174 -3.04 15.35 -5.65
N PRO B 175 -2.52 15.76 -6.79
CA PRO B 175 -1.89 14.84 -7.70
C PRO B 175 -0.49 14.50 -7.22
N ILE B 176 -0.11 13.23 -7.33
CA ILE B 176 1.15 12.71 -6.84
C ILE B 176 1.76 11.81 -7.89
N LYS B 177 3.06 11.96 -8.11
CA LYS B 177 3.80 11.16 -9.08
C LYS B 177 4.00 9.71 -8.61
N THR B 178 3.75 8.76 -9.50
CA THR B 178 4.06 7.37 -9.24
C THR B 178 5.05 6.85 -10.29
N GLN B 179 5.99 6.04 -9.84
CA GLN B 179 6.86 5.32 -10.74
C GLN B 179 6.29 3.90 -10.96
N GLU B 180 6.72 2.90 -10.20
CA GLU B 180 6.19 1.53 -10.38
C GLU B 180 4.78 1.46 -9.85
N ARG B 181 4.00 0.58 -10.45
CA ARG B 181 2.62 0.33 -10.06
C ARG B 181 2.60 -0.45 -8.74
N LEU B 182 1.49 -0.30 -8.05
CA LEU B 182 1.16 -1.07 -6.88
C LEU B 182 -0.35 -1.28 -6.90
N ASN B 183 -0.85 -2.22 -6.10
CA ASN B 183 -2.29 -2.33 -5.91
C ASN B 183 -2.70 -1.21 -4.98
N TRP B 184 -3.06 -0.08 -5.58
CA TRP B 184 -3.40 1.14 -4.85
C TRP B 184 -4.75 1.04 -4.18
N GLU B 185 -5.61 0.16 -4.68
CA GLU B 185 -6.91 -0.09 -4.04
C GLU B 185 -6.72 -0.67 -2.61
N GLU B 186 -5.67 -1.48 -2.44
CA GLU B 186 -5.34 -2.08 -1.16
C GLU B 186 -4.76 -1.03 -0.21
N ILE B 187 -3.89 -0.18 -0.73
CA ILE B 187 -3.34 0.95 0.03
C ILE B 187 -4.47 1.87 0.52
N GLU B 188 -5.45 2.11 -0.36
CA GLU B 188 -6.62 2.95 -0.08
C GLU B 188 -7.44 2.40 1.08
N ARG B 189 -7.66 1.08 1.09
CA ARG B 189 -8.41 0.44 2.19
C ARG B 189 -7.67 0.64 3.50
N GLN B 190 -6.34 0.50 3.48
CA GLN B 190 -5.48 0.76 4.62
C GLN B 190 -5.64 2.21 5.11
N LEU B 191 -5.56 3.18 4.20
CA LEU B 191 -5.80 4.57 4.61
C LEU B 191 -7.18 4.75 5.23
N ASN B 192 -8.17 4.02 4.73
CA ASN B 192 -9.51 4.19 5.26
C ASN B 192 -9.68 3.58 6.65
N PHE B 193 -9.06 2.43 6.90
CA PHE B 193 -9.05 1.87 8.27
C PHE B 193 -8.38 2.84 9.25
N LEU B 194 -7.30 3.50 8.82
CA LEU B 194 -6.54 4.39 9.73
C LEU B 194 -7.18 5.79 9.97
N LEU B 195 -7.88 6.33 8.98
CA LEU B 195 -8.29 7.74 9.00
C LEU B 195 -9.79 7.98 9.04
N ARG B 196 -10.59 7.00 8.65
CA ARG B 196 -12.02 7.19 8.54
C ARG B 196 -12.59 7.26 9.94
N GLY B 197 -13.23 8.37 10.26
CA GLY B 197 -13.68 8.65 11.62
C GLY B 197 -12.79 9.53 12.47
N ARG B 198 -11.56 9.74 12.01
CA ARG B 198 -10.66 10.66 12.69
C ARG B 198 -10.86 12.04 12.11
N THR B 199 -10.34 13.06 12.79
CA THR B 199 -10.45 14.42 12.31
C THR B 199 -9.15 14.95 11.73
N VAL B 200 -9.32 15.93 10.85
CA VAL B 200 -8.22 16.67 10.27
C VAL B 200 -7.40 17.31 11.38
N GLY B 201 -8.07 17.80 12.42
CA GLY B 201 -7.41 18.37 13.59
C GLY B 201 -6.47 17.42 14.32
N GLU B 202 -6.91 16.16 14.48
CA GLU B 202 -6.05 15.15 15.09
C GLU B 202 -4.78 14.90 14.24
N VAL B 203 -4.92 14.91 12.92
CA VAL B 203 -3.78 14.78 12.03
C VAL B 203 -2.84 15.96 12.28
N LEU B 204 -3.39 17.17 12.28
CA LEU B 204 -2.62 18.40 12.45
C LEU B 204 -1.89 18.47 13.80
N MET B 205 -2.41 17.82 14.82
CA MET B 205 -1.80 17.87 16.16
C MET B 205 -0.83 16.71 16.41
N GLY B 206 -0.47 15.97 15.37
CA GLY B 206 0.44 14.84 15.51
C GLY B 206 -0.11 13.69 16.34
N LYS B 207 -1.44 13.56 16.37
CA LYS B 207 -2.07 12.56 17.26
C LYS B 207 -2.20 11.16 16.63
N ILE B 208 -2.05 11.06 15.31
CA ILE B 208 -2.12 9.74 14.65
C ILE B 208 -0.71 9.18 14.42
N GLU B 209 -0.17 8.57 15.46
CA GLU B 209 1.18 8.02 15.43
C GLU B 209 1.41 6.93 14.39
N SER B 210 0.35 6.24 13.99
CA SER B 210 0.46 5.24 12.94
C SER B 210 0.90 5.89 11.58
N LEU B 211 0.62 7.19 11.37
CA LEU B 211 1.03 7.90 10.15
C LEU B 211 2.54 8.14 10.01
N LYS B 212 3.31 7.85 11.07
CA LYS B 212 4.76 7.88 10.96
C LYS B 212 5.35 6.50 10.69
N GLY B 213 4.51 5.52 10.40
CA GLY B 213 4.93 4.14 10.19
C GLY B 213 5.63 3.90 8.87
N SER B 214 5.42 4.78 7.88
CA SER B 214 6.14 4.66 6.60
C SER B 214 6.27 6.01 5.92
N GLY B 215 7.10 6.08 4.89
CA GLY B 215 7.28 7.31 4.13
C GLY B 215 6.00 7.71 3.43
N PHE B 216 5.27 6.71 2.92
CA PHE B 216 4.01 6.96 2.25
C PHE B 216 2.98 7.59 3.22
N LEU B 217 2.80 7.00 4.37
CA LEU B 217 1.84 7.54 5.34
C LEU B 217 2.32 8.90 5.85
N ARG B 218 3.64 9.10 5.95
CA ARG B 218 4.17 10.43 6.29
C ARG B 218 3.78 11.46 5.24
N LEU B 219 3.85 11.09 3.96
CA LEU B 219 3.37 11.97 2.89
C LEU B 219 1.90 12.29 3.10
N ILE B 220 1.08 11.29 3.35
CA ILE B 220 -0.36 11.51 3.60
C ILE B 220 -0.61 12.48 4.79
N GLU B 221 0.18 12.36 5.85
CA GLU B 221 0.03 13.22 7.02
C GLU B 221 0.32 14.65 6.58
N SER B 222 1.39 14.86 5.82
CA SER B 222 1.74 16.22 5.39
C SER B 222 0.69 16.86 4.48
N LEU B 223 -0.02 16.04 3.70
CA LEU B 223 -1.07 16.53 2.81
C LEU B 223 -2.30 16.93 3.60
N ILE B 224 -2.79 16.05 4.46
CA ILE B 224 -3.96 16.35 5.26
C ILE B 224 -3.63 17.37 6.33
N GLY B 225 -2.41 17.30 6.85
CA GLY B 225 -1.99 18.15 7.94
C GLY B 225 -1.18 19.34 7.47
N GLU B 226 -1.45 19.81 6.25
CA GLU B 226 -0.67 20.92 5.73
C GLU B 226 -0.86 22.10 6.66
N THR B 227 0.20 22.91 6.79
CA THR B 227 0.26 24.05 7.72
C THR B 227 -0.71 25.10 7.24
N VAL B 228 -1.79 25.32 8.00
CA VAL B 228 -2.89 26.18 7.56
C VAL B 228 -3.34 27.15 8.68
N GLU B 229 -3.48 28.42 8.33
CA GLU B 229 -3.99 29.42 9.26
C GLU B 229 -5.44 29.09 9.58
N ARG B 230 -5.95 29.55 10.71
CA ARG B 230 -7.36 29.35 10.99
C ARG B 230 -8.22 30.29 10.15
N TYR B 231 -7.62 31.34 9.58
CA TYR B 231 -8.34 32.29 8.72
C TYR B 231 -7.72 32.36 7.34
N LEU B 232 -8.60 32.35 6.33
CA LEU B 232 -8.21 32.70 4.98
C LEU B 232 -8.18 34.23 4.93
N ASP B 233 -7.09 34.80 4.49
CA ASP B 233 -6.98 36.25 4.36
C ASP B 233 -6.90 36.66 2.91
N ALA B 234 -7.33 37.88 2.63
CA ALA B 234 -7.22 38.45 1.29
C ALA B 234 -7.34 39.96 1.37
N GLY B 235 -6.76 40.63 0.39
CA GLY B 235 -6.95 42.05 0.23
C GLY B 235 -6.09 42.96 1.07
N LEU B 236 -4.96 42.45 1.57
CA LEU B 236 -4.08 43.25 2.42
C LEU B 236 -3.59 44.48 1.67
N GLU B 237 -3.19 44.27 0.42
CA GLU B 237 -2.86 45.34 -0.53
C GLU B 237 -3.87 46.51 -0.59
N ASN B 238 -5.16 46.23 -0.40
CA ASN B 238 -6.20 47.28 -0.38
C ASN B 238 -6.02 48.27 0.78
N LEU B 239 -5.64 47.79 1.96
CA LEU B 239 -5.31 48.71 3.07
C LEU B 239 -4.17 49.71 2.71
N LEU B 240 -3.25 49.31 1.85
CA LEU B 240 -2.16 50.19 1.39
C LEU B 240 -2.61 51.13 0.27
N LYS B 241 -3.66 50.76 -0.45
CA LYS B 241 -4.18 51.59 -1.53
C LYS B 241 -4.78 52.89 -1.03
N ASP B 242 -5.45 52.85 0.12
CA ASP B 242 -6.26 53.98 0.52
C ASP B 242 -5.58 54.85 1.61
N GLU B 243 -5.56 56.16 1.38
CA GLU B 243 -4.63 57.05 2.08
C GLU B 243 -5.11 57.60 3.43
N THR B 244 -6.31 57.20 3.87
CA THR B 244 -6.74 57.52 5.22
C THR B 244 -6.07 56.66 6.29
N LEU B 245 -5.29 55.66 5.87
CA LEU B 245 -4.63 54.74 6.81
C LEU B 245 -3.12 54.90 6.81
N THR B 246 -2.53 54.74 7.99
CA THR B 246 -1.09 54.87 8.21
C THR B 246 -0.43 53.48 8.26
N LEU B 247 0.88 53.46 8.08
CA LEU B 247 1.66 52.24 8.31
C LEU B 247 1.37 51.65 9.70
N GLU B 248 1.41 52.48 10.74
CA GLU B 248 1.11 52.04 12.10
C GLU B 248 -0.31 51.49 12.26
N ASP B 249 -1.29 52.11 11.59
CA ASP B 249 -2.65 51.57 11.61
C ASP B 249 -2.69 50.14 11.05
N ILE B 250 -1.97 49.91 9.95
CA ILE B 250 -1.98 48.60 9.33
C ILE B 250 -1.21 47.59 10.20
N ARG B 251 -0.10 47.98 10.79
CA ARG B 251 0.66 47.07 11.67
C ARG B 251 -0.20 46.65 12.85
N ASN B 252 -0.86 47.61 13.47
CA ASN B 252 -1.71 47.33 14.60
C ASN B 252 -2.79 46.33 14.25
N LEU B 253 -3.41 46.50 13.10
CA LEU B 253 -4.49 45.62 12.66
C LEU B 253 -4.01 44.19 12.56
N LEU B 254 -2.82 44.01 11.99
CA LEU B 254 -2.24 42.67 11.80
C LEU B 254 -1.91 42.00 13.14
N GLU B 255 -1.39 42.79 14.09
CA GLU B 255 -1.16 42.29 15.45
C GLU B 255 -2.48 41.92 16.12
N GLU B 256 -3.48 42.78 16.03
CA GLU B 256 -4.71 42.64 16.82
C GLU B 256 -5.55 41.46 16.35
N VAL B 257 -5.45 41.17 15.06
CA VAL B 257 -6.17 40.10 14.41
C VAL B 257 -5.64 38.72 14.82
N LYS B 258 -4.43 38.68 15.37
CA LYS B 258 -3.91 37.43 15.95
C LYS B 258 -4.70 37.03 17.21
N ASP B 259 -5.25 38.01 17.93
CA ASP B 259 -6.06 37.74 19.12
C ASP B 259 -7.41 37.09 18.76
N GLN B 260 -7.45 35.76 18.86
CA GLN B 260 -8.66 34.94 18.64
C GLN B 260 -9.88 35.52 19.36
N LYS B 261 -9.72 35.82 20.65
CA LYS B 261 -10.82 36.25 21.51
C LYS B 261 -11.31 37.67 21.21
N PHE B 262 -10.45 38.50 20.65
CA PHE B 262 -10.87 39.83 20.18
C PHE B 262 -11.82 39.68 18.99
N LEU B 263 -11.46 38.81 18.03
CA LEU B 263 -12.30 38.56 16.86
C LEU B 263 -13.64 37.91 17.23
N GLU B 264 -13.60 36.98 18.17
CA GLU B 264 -14.81 36.36 18.71
C GLU B 264 -15.84 37.40 19.15
N SER B 265 -15.40 38.42 19.89
CA SER B 265 -16.28 39.44 20.46
C SER B 265 -16.96 40.36 19.43
N LEU B 266 -16.38 40.50 18.25
CA LEU B 266 -16.89 41.41 17.21
C LEU B 266 -18.23 40.99 16.61
N VAL B 267 -18.47 39.68 16.58
CA VAL B 267 -19.65 39.13 15.92
C VAL B 267 -20.86 39.17 16.83
N GLY B 268 -21.82 40.04 16.48
CA GLY B 268 -23.07 40.14 17.19
C GLY B 268 -24.10 39.13 16.72
N GLU B 269 -25.35 39.56 16.56
CA GLU B 269 -26.43 38.62 16.26
C GLU B 269 -26.45 38.19 14.80
N GLY B 270 -26.66 39.12 13.87
CA GLY B 270 -26.57 38.82 12.46
C GLY B 270 -25.40 39.56 11.87
N ILE B 271 -25.60 40.22 10.72
CA ILE B 271 -24.58 41.09 10.15
C ILE B 271 -24.53 42.41 10.93
N THR B 272 -23.30 42.85 11.21
CA THR B 272 -23.02 43.91 12.15
C THR B 272 -21.79 44.71 11.68
N VAL B 273 -21.78 46.01 11.96
CA VAL B 273 -20.59 46.84 11.76
C VAL B 273 -20.16 47.47 13.07
N ARG B 274 -18.85 47.69 13.18
CA ARG B 274 -18.26 48.43 14.26
C ARG B 274 -17.37 49.48 13.63
N ILE B 275 -17.71 50.75 13.86
CA ILE B 275 -16.99 51.89 13.31
C ILE B 275 -16.14 52.53 14.39
N GLY B 276 -14.84 52.61 14.16
CA GLY B 276 -13.97 53.42 14.98
C GLY B 276 -13.91 53.00 16.43
N ARG B 277 -14.32 53.89 17.34
CA ARG B 277 -14.26 53.59 18.77
C ARG B 277 -15.21 52.46 19.21
N GLU B 278 -16.20 52.14 18.39
CA GLU B 278 -17.11 51.01 18.64
C GLU B 278 -16.40 49.64 18.63
N ILE B 279 -15.21 49.58 18.03
CA ILE B 279 -14.44 48.34 17.97
C ILE B 279 -13.91 47.96 19.36
N GLY B 280 -13.66 48.97 20.20
CA GLY B 280 -13.23 48.75 21.58
C GLY B 280 -11.75 48.93 21.82
N ARG B 281 -10.95 48.82 20.76
CA ARG B 281 -9.50 48.94 20.84
C ARG B 281 -9.05 50.29 20.26
N LYS B 282 -8.22 51.01 21.01
CA LYS B 282 -7.78 52.36 20.62
C LYS B 282 -6.85 52.32 19.40
N LYS B 283 -6.10 51.24 19.26
CA LYS B 283 -5.17 51.06 18.14
C LYS B 283 -5.87 50.89 16.77
N LEU B 284 -7.16 50.57 16.78
CA LEU B 284 -7.92 50.29 15.57
C LEU B 284 -9.01 51.32 15.30
N GLU B 285 -8.87 52.50 15.88
CA GLU B 285 -9.91 53.53 15.83
C GLU B 285 -10.08 54.11 14.42
N LYS B 286 -9.08 53.90 13.58
CA LYS B 286 -9.14 54.29 12.16
C LYS B 286 -9.95 53.35 11.26
N PHE B 287 -10.36 52.18 11.76
CA PHE B 287 -11.02 51.17 10.93
C PHE B 287 -12.53 51.07 11.17
N ALA B 288 -13.19 50.35 10.26
CA ALA B 288 -14.53 49.80 10.47
C ALA B 288 -14.49 48.31 10.12
N VAL B 289 -15.33 47.51 10.77
CA VAL B 289 -15.38 46.07 10.51
C VAL B 289 -16.81 45.60 10.37
N PHE B 290 -17.12 44.98 9.25
CA PHE B 290 -18.34 44.18 9.10
C PHE B 290 -18.01 42.75 9.53
N SER B 291 -18.92 42.15 10.27
CA SER B 291 -18.76 40.78 10.70
C SER B 291 -20.11 40.07 10.70
N GLY B 292 -20.04 38.77 10.44
CA GLY B 292 -21.18 37.88 10.51
C GLY B 292 -20.71 36.46 10.28
N LYS B 293 -21.63 35.52 10.17
CA LYS B 293 -21.28 34.10 10.09
C LYS B 293 -21.97 33.45 8.92
N TYR B 294 -21.33 32.40 8.40
CA TYR B 294 -21.91 31.56 7.37
C TYR B 294 -22.36 30.27 8.03
N PHE B 295 -23.45 29.72 7.53
CA PHE B 295 -24.19 28.65 8.18
C PHE B 295 -24.33 27.42 7.26
N LYS B 296 -24.41 26.24 7.87
CA LYS B 296 -24.96 25.04 7.21
C LYS B 296 -26.30 24.75 7.87
N GLY B 297 -27.37 25.09 7.17
CA GLY B 297 -28.71 25.06 7.75
C GLY B 297 -28.79 26.16 8.77
N GLU B 298 -29.07 25.80 10.02
CA GLU B 298 -29.05 26.75 11.14
C GLU B 298 -27.79 26.62 12.01
N SER B 299 -26.83 25.80 11.57
CA SER B 299 -25.56 25.63 12.30
C SER B 299 -24.50 26.62 11.79
N PRO B 300 -23.94 27.45 12.68
CA PRO B 300 -22.88 28.38 12.29
C PRO B 300 -21.53 27.66 12.14
N ILE B 301 -20.91 27.82 10.98
CA ILE B 301 -19.67 27.10 10.69
C ILE B 301 -18.43 27.98 10.84
N GLY B 302 -18.59 29.27 10.55
CA GLY B 302 -17.50 30.22 10.68
C GLY B 302 -17.89 31.67 10.68
N SER B 303 -16.93 32.51 11.05
CA SER B 303 -17.06 33.96 11.04
C SER B 303 -16.36 34.55 9.83
N VAL B 304 -16.90 35.66 9.33
CA VAL B 304 -16.30 36.44 8.26
C VAL B 304 -16.12 37.90 8.72
N TYR B 305 -14.94 38.45 8.49
CA TYR B 305 -14.62 39.83 8.88
C TYR B 305 -14.14 40.63 7.68
N LEU B 306 -14.64 41.84 7.57
CA LEU B 306 -14.25 42.78 6.52
C LEU B 306 -13.72 44.02 7.20
N PHE B 307 -12.42 44.23 7.10
CA PHE B 307 -11.81 45.39 7.70
C PHE B 307 -11.54 46.40 6.60
N THR B 308 -12.05 47.62 6.76
CA THR B 308 -11.71 48.75 5.89
C THR B 308 -11.31 49.95 6.75
N SER B 309 -10.85 51.02 6.13
CA SER B 309 -10.88 52.34 6.76
C SER B 309 -12.33 52.68 7.12
N LYS B 310 -12.52 53.51 8.15
CA LYS B 310 -13.86 53.99 8.52
C LYS B 310 -14.44 54.92 7.44
N VAL B 311 -13.56 55.49 6.62
CA VAL B 311 -13.94 56.32 5.48
C VAL B 311 -14.06 55.39 4.27
N THR B 312 -15.23 54.75 4.15
CA THR B 312 -15.52 53.73 3.15
C THR B 312 -16.99 53.83 2.72
N LYS B 313 -17.33 53.21 1.59
CA LYS B 313 -18.70 53.23 1.08
C LYS B 313 -19.52 52.15 1.77
N TYR B 314 -20.15 52.52 2.89
CA TYR B 314 -20.84 51.59 3.78
C TYR B 314 -22.01 50.85 3.15
N ASP B 315 -22.78 51.50 2.29
CA ASP B 315 -23.90 50.86 1.61
C ASP B 315 -23.41 49.78 0.63
N ARG B 316 -22.43 50.13 -0.21
CA ARG B 316 -21.79 49.16 -1.09
C ARG B 316 -21.25 47.98 -0.26
N ASN B 317 -20.50 48.27 0.79
CA ASN B 317 -19.88 47.23 1.61
C ASN B 317 -20.90 46.28 2.24
N HIS B 318 -21.91 46.83 2.91
CA HIS B 318 -23.00 46.04 3.49
C HIS B 318 -23.65 45.11 2.48
N ARG B 319 -23.90 45.64 1.28
CA ARG B 319 -24.63 44.89 0.25
C ARG B 319 -23.79 43.68 -0.23
N VAL B 320 -22.51 43.91 -0.50
CA VAL B 320 -21.61 42.87 -0.95
C VAL B 320 -21.39 41.83 0.15
N PHE B 321 -21.20 42.29 1.38
CA PHE B 321 -20.94 41.42 2.53
C PHE B 321 -22.12 40.49 2.80
N GLU B 322 -23.33 41.02 2.75
CA GLU B 322 -24.53 40.21 2.92
C GLU B 322 -24.66 39.18 1.80
N TYR B 323 -24.39 39.60 0.57
CA TYR B 323 -24.44 38.73 -0.59
C TYR B 323 -23.46 37.54 -0.51
N ILE B 324 -22.23 37.78 -0.04
CA ILE B 324 -21.24 36.70 0.00
C ILE B 324 -21.54 35.76 1.16
N LEU B 325 -21.97 36.31 2.28
CA LEU B 325 -22.40 35.48 3.41
C LEU B 325 -23.51 34.55 2.98
N ASN B 326 -24.47 35.07 2.22
CA ASN B 326 -25.61 34.29 1.77
C ASN B 326 -25.19 33.18 0.81
N ARG B 327 -24.20 33.47 -0.04
CA ARG B 327 -23.63 32.49 -0.96
C ARG B 327 -22.85 31.42 -0.22
N LEU B 328 -22.07 31.83 0.77
CA LEU B 328 -21.31 30.89 1.59
C LEU B 328 -22.26 29.96 2.36
N SER B 329 -23.32 30.54 2.93
CA SER B 329 -24.34 29.75 3.61
C SER B 329 -25.10 28.83 2.67
N GLU B 330 -25.39 29.29 1.46
CA GLU B 330 -26.06 28.44 0.48
C GLU B 330 -25.14 27.28 0.09
N TYR B 331 -23.84 27.57 -0.09
CA TYR B 331 -22.93 26.52 -0.46
C TYR B 331 -22.89 25.43 0.62
N PHE B 332 -22.68 25.86 1.85
CA PHE B 332 -22.47 24.93 2.95
C PHE B 332 -23.74 24.16 3.35
N THR B 333 -24.89 24.77 3.10
CA THR B 333 -26.18 24.13 3.39
C THR B 333 -26.46 23.04 2.38
N SER B 334 -26.05 23.23 1.13
CA SER B 334 -26.26 22.23 0.10
C SER B 334 -25.40 20.97 0.27
N THR B 335 -24.38 21.02 1.13
CA THR B 335 -23.53 19.83 1.39
C THR B 335 -24.17 18.80 2.31
N SER B 336 -25.28 19.17 2.95
CA SER B 336 -26.08 18.28 3.80
C SER B 336 -26.06 16.83 3.32
N ALA C 11 -13.33 -50.36 -24.76
CA ALA C 11 -11.93 -50.38 -25.29
C ALA C 11 -11.09 -51.46 -24.59
N LEU C 12 -11.07 -51.38 -23.26
CA LEU C 12 -10.36 -52.31 -22.38
C LEU C 12 -10.62 -53.79 -22.65
N LYS C 13 -11.90 -54.12 -22.87
CA LYS C 13 -12.36 -55.50 -23.04
C LYS C 13 -11.77 -56.23 -24.25
N LYS C 14 -11.16 -55.50 -25.19
CA LYS C 14 -10.54 -56.13 -26.36
C LYS C 14 -9.13 -56.67 -26.07
N LEU C 15 -8.64 -56.51 -24.83
CA LEU C 15 -7.31 -56.95 -24.45
C LEU C 15 -7.36 -58.19 -23.56
N ASN C 16 -6.59 -59.22 -23.91
CA ASN C 16 -6.41 -60.38 -23.03
C ASN C 16 -5.50 -60.01 -21.85
N ASP C 17 -5.32 -60.94 -20.92
CA ASP C 17 -4.56 -60.70 -19.70
C ASP C 17 -3.12 -60.30 -19.99
N ARG C 18 -2.52 -60.94 -20.98
CA ARG C 18 -1.16 -60.65 -21.38
C ARG C 18 -0.99 -59.20 -21.82
N GLN C 19 -1.89 -58.72 -22.68
CA GLN C 19 -1.76 -57.39 -23.29
C GLN C 19 -1.91 -56.28 -22.23
N ARG C 20 -2.61 -56.59 -21.15
CA ARG C 20 -2.76 -55.69 -20.02
C ARG C 20 -1.50 -55.64 -19.15
N LYS C 21 -0.85 -56.79 -18.95
CA LYS C 21 0.42 -56.84 -18.24
C LYS C 21 1.48 -56.03 -18.97
N VAL C 22 1.48 -56.13 -20.30
CA VAL C 22 2.45 -55.43 -21.15
C VAL C 22 2.21 -53.92 -21.11
N LEU C 23 0.93 -53.52 -21.14
CA LEU C 23 0.58 -52.11 -21.06
C LEU C 23 0.97 -51.57 -19.70
N TYR C 24 0.66 -52.32 -18.65
CA TYR C 24 1.04 -51.95 -17.30
C TYR C 24 2.54 -51.77 -17.17
N CYS C 25 3.33 -52.69 -17.74
CA CYS C 25 4.79 -52.54 -17.70
C CYS C 25 5.30 -51.38 -18.56
N ILE C 26 4.62 -51.08 -19.66
CA ILE C 26 5.04 -49.98 -20.51
C ILE C 26 4.84 -48.68 -19.76
N VAL C 27 3.66 -48.49 -19.17
CA VAL C 27 3.34 -47.26 -18.47
C VAL C 27 4.24 -47.14 -17.26
N ARG C 28 4.39 -48.22 -16.50
CA ARG C 28 5.22 -48.24 -15.30
C ARG C 28 6.69 -47.86 -15.57
N GLU C 29 7.24 -48.36 -16.67
CA GLU C 29 8.63 -48.07 -17.01
C GLU C 29 8.79 -46.65 -17.55
N TYR C 30 7.76 -46.15 -18.23
CA TYR C 30 7.76 -44.78 -18.72
C TYR C 30 7.73 -43.79 -17.56
N ILE C 31 7.01 -44.12 -16.49
CA ILE C 31 6.97 -43.28 -15.29
C ILE C 31 8.35 -43.22 -14.62
N GLU C 32 9.02 -44.36 -14.50
CA GLU C 32 10.28 -44.44 -13.75
C GLU C 32 11.41 -43.75 -14.52
N ASN C 33 11.77 -44.33 -15.66
CA ASN C 33 12.68 -43.71 -16.62
C ASN C 33 11.77 -43.04 -17.62
N LYS C 34 12.05 -41.80 -18.00
CA LYS C 34 11.10 -41.07 -18.83
C LYS C 34 11.44 -41.17 -20.32
N LYS C 35 11.67 -42.41 -20.77
CA LYS C 35 12.03 -42.70 -22.15
C LYS C 35 10.97 -43.57 -22.81
N PRO C 36 10.90 -43.52 -24.14
CA PRO C 36 10.08 -44.48 -24.88
C PRO C 36 10.53 -45.91 -24.56
N VAL C 37 9.59 -46.84 -24.47
CA VAL C 37 9.85 -48.20 -24.02
C VAL C 37 9.75 -49.16 -25.20
N SER C 38 10.79 -49.93 -25.47
CA SER C 38 10.77 -50.84 -26.61
C SER C 38 10.22 -52.21 -26.23
N SER C 39 9.93 -53.02 -27.24
CA SER C 39 9.48 -54.38 -27.03
C SER C 39 10.50 -55.19 -26.24
N GLN C 40 11.78 -54.91 -26.46
CA GLN C 40 12.85 -55.63 -25.78
C GLN C 40 12.90 -55.22 -24.31
N ARG C 41 12.91 -53.92 -24.05
CA ARG C 41 12.97 -53.38 -22.69
C ARG C 41 11.86 -53.92 -21.79
N VAL C 42 10.68 -54.19 -22.36
CA VAL C 42 9.59 -54.81 -21.60
C VAL C 42 10.05 -56.19 -21.10
N LEU C 43 10.48 -57.04 -22.03
CA LEU C 43 10.94 -58.39 -21.71
C LEU C 43 12.10 -58.45 -20.70
N GLU C 44 12.90 -57.39 -20.63
CA GLU C 44 14.06 -57.33 -19.74
C GLU C 44 13.68 -57.18 -18.27
N VAL C 45 12.71 -56.31 -18.02
CA VAL C 45 12.26 -55.96 -16.68
C VAL C 45 10.93 -56.63 -16.29
N SER C 46 10.43 -57.54 -17.14
CA SER C 46 9.12 -58.16 -16.94
C SER C 46 9.22 -59.66 -16.69
N ASN C 47 8.18 -60.20 -16.08
CA ASN C 47 8.07 -61.65 -15.83
C ASN C 47 7.33 -62.39 -16.96
N ILE C 48 6.92 -61.66 -18.00
CA ILE C 48 6.18 -62.23 -19.12
C ILE C 48 6.97 -63.42 -19.68
N GLU C 49 6.30 -64.56 -19.83
CA GLU C 49 6.94 -65.82 -20.21
C GLU C 49 6.87 -66.08 -21.72
N PHE C 50 6.70 -65.01 -22.50
CA PHE C 50 6.58 -65.07 -23.95
C PHE C 50 7.74 -64.33 -24.61
N SER C 51 8.11 -64.75 -25.82
CA SER C 51 9.19 -64.12 -26.59
C SER C 51 8.92 -62.65 -26.92
N SER C 52 9.92 -62.01 -27.56
CA SER C 52 9.81 -60.62 -27.99
C SER C 52 8.89 -60.43 -29.20
N ALA C 53 8.64 -61.49 -29.96
CA ALA C 53 7.80 -61.43 -31.15
C ALA C 53 6.32 -61.21 -30.85
N THR C 54 5.82 -61.78 -29.76
CA THR C 54 4.41 -61.61 -29.37
C THR C 54 4.20 -60.33 -28.56
N ILE C 55 5.25 -59.84 -27.91
CA ILE C 55 5.19 -58.52 -27.26
C ILE C 55 5.03 -57.44 -28.34
N ARG C 56 5.63 -57.67 -29.50
CA ARG C 56 5.55 -56.73 -30.62
C ARG C 56 4.15 -56.74 -31.25
N ASN C 57 3.56 -57.92 -31.39
CA ASN C 57 2.16 -58.04 -31.85
C ASN C 57 1.23 -57.37 -30.85
N ASP C 58 1.51 -57.56 -29.57
CA ASP C 58 0.73 -56.97 -28.49
C ASP C 58 0.85 -55.45 -28.49
N MET C 59 2.06 -54.94 -28.73
CA MET C 59 2.28 -53.49 -28.74
C MET C 59 1.63 -52.85 -29.97
N LYS C 60 1.43 -53.63 -31.03
CA LYS C 60 0.75 -53.14 -32.21
C LYS C 60 -0.76 -53.00 -31.98
N LYS C 61 -1.34 -53.94 -31.21
CA LYS C 61 -2.76 -53.87 -30.89
C LYS C 61 -3.02 -52.73 -29.93
N LEU C 62 -2.12 -52.56 -28.96
CA LEU C 62 -2.17 -51.47 -27.99
C LEU C 62 -2.14 -50.13 -28.69
N GLU C 63 -1.28 -49.99 -29.70
CA GLU C 63 -1.16 -48.76 -30.48
C GLU C 63 -2.41 -48.54 -31.34
N TYR C 64 -2.95 -49.61 -31.90
CA TYR C 64 -4.17 -49.54 -32.72
C TYR C 64 -5.38 -49.11 -31.89
N LEU C 65 -5.42 -49.55 -30.64
CA LEU C 65 -6.53 -49.23 -29.74
C LEU C 65 -6.35 -47.91 -28.99
N GLY C 66 -5.23 -47.24 -29.22
CA GLY C 66 -4.98 -45.90 -28.69
C GLY C 66 -4.40 -45.80 -27.29
N TYR C 67 -3.77 -46.87 -26.81
CA TYR C 67 -3.19 -46.90 -25.45
C TYR C 67 -1.73 -46.42 -25.39
N ILE C 68 -1.01 -46.66 -26.48
CA ILE C 68 0.36 -46.20 -26.66
C ILE C 68 0.53 -45.59 -28.05
N TYR C 69 1.68 -44.96 -28.28
CA TYR C 69 1.98 -44.34 -29.57
C TYR C 69 3.48 -44.14 -29.76
N GLN C 70 3.84 -43.89 -31.01
CA GLN C 70 5.22 -43.60 -31.42
C GLN C 70 5.28 -42.15 -31.86
N PRO C 71 5.94 -41.29 -31.08
CA PRO C 71 6.18 -39.91 -31.54
C PRO C 71 7.07 -39.86 -32.79
N HIS C 72 8.38 -39.76 -32.63
CA HIS C 72 9.30 -39.53 -33.75
C HIS C 72 9.74 -40.88 -34.36
N THR C 73 11.05 -41.10 -34.51
CA THR C 73 11.57 -42.32 -35.15
C THR C 73 11.77 -43.48 -34.16
N SER C 74 11.73 -43.18 -32.87
CA SER C 74 12.05 -44.13 -31.81
C SER C 74 11.44 -45.53 -32.00
N ALA C 75 12.21 -46.56 -31.66
CA ALA C 75 11.74 -47.94 -31.72
C ALA C 75 10.80 -48.27 -30.56
N GLY C 76 10.81 -47.43 -29.53
CA GLY C 76 9.90 -47.56 -28.41
C GLY C 76 8.60 -46.77 -28.53
N ARG C 77 7.70 -47.02 -27.60
CA ARG C 77 6.40 -46.36 -27.54
C ARG C 77 6.20 -45.65 -26.21
N ILE C 78 5.14 -44.87 -26.15
CA ILE C 78 4.83 -44.02 -25.00
C ILE C 78 3.33 -44.12 -24.74
N PRO C 79 2.90 -44.20 -23.48
CA PRO C 79 1.47 -44.29 -23.20
C PRO C 79 0.75 -43.01 -23.62
N THR C 80 -0.45 -43.12 -24.18
CA THR C 80 -1.30 -41.96 -24.41
C THR C 80 -1.99 -41.65 -23.09
N ASP C 81 -2.86 -40.63 -23.11
CA ASP C 81 -3.65 -40.27 -21.93
C ASP C 81 -4.57 -41.42 -21.57
N LYS C 82 -5.05 -42.14 -22.59
CA LYS C 82 -5.86 -43.35 -22.41
C LYS C 82 -5.04 -44.42 -21.68
N GLY C 83 -3.77 -44.56 -22.05
CA GLY C 83 -2.88 -45.52 -21.39
C GLY C 83 -2.57 -45.18 -19.94
N LEU C 84 -2.49 -43.89 -19.65
CA LEU C 84 -2.17 -43.44 -18.30
C LEU C 84 -3.40 -43.65 -17.41
N ARG C 85 -4.59 -43.42 -17.96
CA ARG C 85 -5.84 -43.66 -17.26
C ARG C 85 -6.01 -45.14 -16.91
N PHE C 86 -5.64 -46.03 -17.84
CA PHE C 86 -5.68 -47.47 -17.56
C PHE C 86 -4.75 -47.80 -16.38
N TYR C 87 -3.56 -47.21 -16.38
CA TYR C 87 -2.59 -47.43 -15.33
C TYR C 87 -3.12 -46.95 -14.00
N TYR C 88 -3.75 -45.79 -13.99
CA TYR C 88 -4.27 -45.20 -12.75
C TYR C 88 -5.38 -46.06 -12.16
N GLU C 89 -6.30 -46.50 -13.01
CA GLU C 89 -7.41 -47.36 -12.59
C GLU C 89 -6.91 -48.70 -12.07
N GLU C 90 -5.88 -49.24 -12.68
CA GLU C 90 -5.39 -50.58 -12.38
C GLU C 90 -4.64 -50.64 -11.04
N MET C 91 -3.98 -49.55 -10.69
CA MET C 91 -3.26 -49.42 -9.41
C MET C 91 -4.23 -49.11 -8.26
N LEU C 92 -5.39 -48.53 -8.61
CA LEU C 92 -6.47 -48.27 -7.67
C LEU C 92 -7.11 -49.60 -7.19
N LYS C 93 -7.24 -50.56 -8.10
CA LYS C 93 -7.82 -51.88 -7.78
C LYS C 93 -6.95 -52.69 -6.81
N ILE C 94 -5.64 -52.58 -6.96
CA ILE C 94 -4.69 -53.31 -6.11
C ILE C 94 -4.76 -52.82 -4.66
N SER C 95 -4.91 -51.51 -4.47
CA SER C 95 -5.13 -50.95 -3.14
C SER C 95 -6.52 -50.34 -3.04
N MET C 111 2.24 -30.69 16.27
CA MET C 111 1.09 -31.22 15.52
C MET C 111 -0.30 -30.89 16.13
N PRO C 112 -0.40 -30.64 17.44
CA PRO C 112 -1.62 -30.02 18.00
C PRO C 112 -1.69 -28.50 17.79
N LEU C 113 -1.67 -28.06 16.53
CA LEU C 113 -1.69 -26.64 16.21
C LEU C 113 -3.12 -26.12 16.26
N ALA C 114 -3.29 -24.86 16.66
CA ALA C 114 -4.60 -24.22 16.71
C ALA C 114 -4.77 -23.04 15.71
N ASP C 115 -3.76 -22.76 14.88
CA ASP C 115 -3.87 -21.71 13.85
C ASP C 115 -4.21 -22.39 12.51
N PRO C 116 -5.41 -22.14 11.98
CA PRO C 116 -5.82 -22.76 10.72
C PRO C 116 -4.90 -22.41 9.57
N GLU C 117 -4.37 -21.19 9.53
CA GLU C 117 -3.46 -20.78 8.46
C GLU C 117 -2.16 -21.60 8.43
N LYS C 118 -1.58 -21.77 9.61
CA LYS C 118 -0.41 -22.64 9.77
C LYS C 118 -0.67 -24.10 9.33
N VAL C 119 -1.84 -24.64 9.70
CA VAL C 119 -2.21 -26.01 9.34
C VAL C 119 -2.28 -26.19 7.82
N LEU C 120 -2.87 -25.20 7.14
CA LEU C 120 -2.99 -25.21 5.70
C LEU C 120 -1.63 -25.09 5.04
N PHE C 121 -0.79 -24.23 5.60
CA PHE C 121 0.54 -23.98 5.08
C PHE C 121 1.34 -25.27 5.12
N LEU C 122 1.28 -25.95 6.27
CA LEU C 122 2.08 -27.15 6.49
C LEU C 122 1.63 -28.31 5.61
N ALA C 123 0.31 -28.42 5.40
CA ALA C 123 -0.29 -29.45 4.57
C ALA C 123 0.03 -29.19 3.11
N GLY C 124 -0.02 -27.93 2.69
CA GLY C 124 0.31 -27.54 1.34
C GLY C 124 1.75 -27.85 0.99
N ASN C 125 2.66 -27.47 1.89
CA ASN C 125 4.08 -27.67 1.66
C ASN C 125 4.50 -29.14 1.68
N LEU C 126 3.81 -29.96 2.48
CA LEU C 126 4.09 -31.39 2.58
C LEU C 126 3.59 -32.10 1.33
N LEU C 127 2.40 -31.72 0.91
CA LEU C 127 1.78 -32.28 -0.29
C LEU C 127 2.70 -32.07 -1.48
N ALA C 128 3.19 -30.85 -1.63
CA ALA C 128 3.98 -30.46 -2.82
C ALA C 128 5.31 -31.18 -2.81
N ARG C 129 5.95 -31.17 -1.67
CA ARG C 129 7.28 -31.74 -1.48
C ARG C 129 7.27 -33.24 -1.80
N LEU C 130 6.29 -33.95 -1.26
CA LEU C 130 6.24 -35.41 -1.40
C LEU C 130 5.77 -35.89 -2.77
N THR C 131 5.12 -35.02 -3.55
CA THR C 131 4.64 -35.40 -4.88
C THR C 131 5.34 -34.64 -6.01
N GLU C 132 6.35 -33.83 -5.67
CA GLU C 132 6.99 -32.95 -6.64
C GLU C 132 5.96 -32.30 -7.55
N GLY C 133 4.92 -31.72 -6.95
CA GLY C 133 3.90 -31.01 -7.69
C GLY C 133 3.65 -29.62 -7.17
N TYR C 134 2.68 -28.96 -7.78
CA TYR C 134 2.23 -27.61 -7.44
C TYR C 134 0.85 -27.71 -6.80
N VAL C 135 0.69 -27.06 -5.64
CA VAL C 135 -0.50 -27.27 -4.81
C VAL C 135 -1.25 -25.96 -4.69
N LEU C 136 -2.58 -26.02 -4.75
CA LEU C 136 -3.43 -24.89 -4.40
C LEU C 136 -4.43 -25.34 -3.35
N ILE C 137 -4.40 -24.72 -2.17
CA ILE C 137 -5.39 -24.97 -1.14
C ILE C 137 -6.27 -23.75 -0.93
N GLU C 138 -7.58 -23.93 -1.12
CA GLU C 138 -8.55 -22.88 -0.90
C GLU C 138 -8.66 -22.67 0.61
N ARG C 139 -8.35 -21.46 1.05
CA ARG C 139 -8.60 -21.03 2.44
C ARG C 139 -10.10 -20.96 2.74
N PRO C 140 -10.48 -21.24 3.99
CA PRO C 140 -11.85 -21.06 4.43
C PRO C 140 -12.40 -19.67 4.06
N ASN C 141 -13.62 -19.64 3.53
CA ASN C 141 -14.29 -18.38 3.23
C ASN C 141 -14.51 -17.59 4.52
N THR C 142 -14.18 -16.29 4.49
CA THR C 142 -14.25 -15.45 5.68
C THR C 142 -15.57 -14.65 5.81
N ARG C 143 -16.39 -14.66 4.76
CA ARG C 143 -17.64 -13.89 4.72
C ARG C 143 -18.56 -14.17 5.92
N ASP C 144 -18.65 -15.43 6.32
CA ASP C 144 -19.51 -15.88 7.42
C ASP C 144 -18.73 -16.22 8.70
N LEU C 145 -17.43 -15.90 8.73
CA LEU C 145 -16.55 -16.32 9.81
C LEU C 145 -16.66 -15.36 10.99
N LYS C 146 -17.39 -15.77 12.02
CA LYS C 146 -17.61 -14.92 13.19
C LYS C 146 -16.36 -14.78 14.05
N ILE C 147 -16.04 -13.54 14.43
CA ILE C 147 -15.02 -13.26 15.43
C ILE C 147 -15.66 -13.54 16.78
N LEU C 148 -15.17 -14.54 17.48
CA LEU C 148 -15.71 -14.92 18.80
C LEU C 148 -15.05 -14.12 19.93
N ARG C 149 -13.83 -13.65 19.69
CA ARG C 149 -13.06 -12.96 20.71
C ARG C 149 -11.82 -12.27 20.16
N VAL C 150 -11.51 -11.09 20.67
CA VAL C 150 -10.27 -10.40 20.33
C VAL C 150 -9.34 -10.36 21.54
N MET C 151 -8.07 -10.65 21.30
CA MET C 151 -7.07 -10.74 22.35
C MET C 151 -5.86 -9.86 22.10
N LEU C 152 -5.59 -8.94 23.01
CA LEU C 152 -4.34 -8.20 23.10
C LEU C 152 -3.65 -8.60 24.40
N ILE C 153 -2.53 -9.28 24.31
CA ILE C 153 -1.85 -9.77 25.50
C ILE C 153 -0.47 -9.12 25.59
N PRO C 154 -0.28 -8.14 26.49
CA PRO C 154 1.06 -7.62 26.74
C PRO C 154 1.96 -8.72 27.26
N VAL C 155 3.16 -8.78 26.72
CA VAL C 155 4.13 -9.78 27.13
C VAL C 155 5.25 -9.12 27.91
N SER C 156 5.62 -7.91 27.53
CA SER C 156 6.51 -7.05 28.30
C SER C 156 6.11 -5.60 28.00
N GLU C 157 6.93 -4.66 28.49
CA GLU C 157 6.70 -3.24 28.20
C GLU C 157 6.83 -2.96 26.70
N ASP C 158 7.64 -3.75 26.00
CA ASP C 158 7.94 -3.49 24.60
C ASP C 158 7.05 -4.26 23.60
N TYR C 159 6.39 -5.34 24.02
CA TYR C 159 5.67 -6.19 23.06
C TYR C 159 4.31 -6.67 23.53
N LEU C 160 3.41 -6.89 22.60
CA LEU C 160 2.18 -7.61 22.90
C LEU C 160 1.84 -8.53 21.76
N ILE C 161 0.93 -9.46 22.00
CA ILE C 161 0.47 -10.34 20.95
C ILE C 161 -1.04 -10.13 20.72
N PHE C 162 -1.40 -9.87 19.49
CA PHE C 162 -2.78 -9.76 19.07
C PHE C 162 -3.20 -11.08 18.41
N SER C 163 -4.43 -11.53 18.63
CA SER C 163 -5.03 -12.55 17.78
C SER C 163 -6.55 -12.48 17.89
N ILE C 164 -7.23 -13.25 17.06
CA ILE C 164 -8.66 -13.44 17.20
C ILE C 164 -8.98 -14.91 17.37
N LEU C 165 -10.11 -15.18 18.00
CA LEU C 165 -10.63 -16.50 18.15
C LEU C 165 -11.76 -16.65 17.13
N THR C 166 -11.72 -17.72 16.37
CA THR C 166 -12.80 -18.07 15.47
C THR C 166 -13.15 -19.54 15.68
N GLU C 167 -14.15 -20.05 14.97
CA GLU C 167 -14.56 -21.45 15.08
C GLU C 167 -13.47 -22.41 14.62
N PHE C 168 -12.57 -21.93 13.75
CA PHE C 168 -11.44 -22.71 13.27
C PHE C 168 -10.18 -22.58 14.12
N GLY C 169 -10.21 -21.79 15.19
CA GLY C 169 -9.05 -21.63 16.06
C GLY C 169 -8.61 -20.19 16.26
N VAL C 170 -7.31 -20.03 16.52
CA VAL C 170 -6.73 -18.74 16.79
C VAL C 170 -6.05 -18.25 15.51
N SER C 171 -6.50 -17.10 14.99
CA SER C 171 -6.07 -16.56 13.69
C SER C 171 -5.50 -15.16 13.80
N LYS C 172 -4.87 -14.75 12.72
CA LYS C 172 -4.27 -13.43 12.56
C LYS C 172 -3.31 -13.12 13.70
N VAL C 173 -2.53 -14.13 14.12
CA VAL C 173 -1.62 -13.96 15.24
C VAL C 173 -0.50 -12.99 14.85
N THR C 174 -0.31 -11.94 15.64
CA THR C 174 0.59 -10.84 15.29
C THR C 174 1.26 -10.25 16.51
N PRO C 175 2.55 -10.51 16.68
CA PRO C 175 3.34 -9.79 17.67
C PRO C 175 3.48 -8.30 17.26
N ILE C 176 3.31 -7.41 18.22
CA ILE C 176 3.30 -5.97 17.96
C ILE C 176 4.27 -5.26 18.92
N LYS C 177 5.09 -4.39 18.36
CA LYS C 177 6.04 -3.58 19.09
C LYS C 177 5.31 -2.33 19.55
N THR C 178 5.35 -2.06 20.83
CA THR C 178 4.61 -0.92 21.35
C THR C 178 5.50 0.15 21.97
N GLN C 179 5.62 1.29 21.28
CA GLN C 179 6.39 2.42 21.78
C GLN C 179 5.79 3.06 23.05
N GLU C 180 4.48 3.21 23.09
CA GLU C 180 3.83 3.84 24.25
C GLU C 180 3.07 2.86 25.09
N ARG C 181 2.91 3.23 26.35
CA ARG C 181 2.16 2.42 27.26
C ARG C 181 0.68 2.85 27.24
N LEU C 182 -0.05 2.30 26.28
CA LEU C 182 -1.47 2.60 26.11
C LEU C 182 -2.27 1.73 27.08
N ASN C 183 -3.56 2.02 27.21
CA ASN C 183 -4.42 1.27 28.10
C ASN C 183 -4.94 0.05 27.33
N TRP C 184 -4.15 -1.03 27.39
CA TRP C 184 -4.39 -2.23 26.61
C TRP C 184 -5.70 -2.91 26.97
N GLU C 185 -6.02 -2.94 28.27
CA GLU C 185 -7.28 -3.52 28.72
C GLU C 185 -8.48 -2.80 28.13
N GLU C 186 -8.45 -1.46 28.17
CA GLU C 186 -9.52 -0.66 27.58
C GLU C 186 -9.61 -0.86 26.08
N ILE C 187 -8.49 -0.92 25.39
CA ILE C 187 -8.47 -1.08 23.94
C ILE C 187 -9.04 -2.45 23.60
N GLU C 188 -8.62 -3.46 24.35
CA GLU C 188 -9.16 -4.81 24.20
C GLU C 188 -10.67 -4.82 24.38
N ARG C 189 -11.16 -4.13 25.42
CA ARG C 189 -12.60 -4.04 25.69
C ARG C 189 -13.38 -3.45 24.51
N GLN C 190 -12.89 -2.33 23.98
CA GLN C 190 -13.45 -1.68 22.80
C GLN C 190 -13.39 -2.62 21.57
N LEU C 191 -12.29 -3.33 21.40
CA LEU C 191 -12.15 -4.23 20.25
C LEU C 191 -13.28 -5.27 20.27
N ASN C 192 -13.48 -5.89 21.43
CA ASN C 192 -14.50 -6.93 21.59
C ASN C 192 -15.93 -6.39 21.46
N PHE C 193 -16.16 -5.20 21.98
CA PHE C 193 -17.45 -4.53 21.87
C PHE C 193 -17.81 -4.31 20.41
N LEU C 194 -16.82 -3.86 19.64
CA LEU C 194 -17.01 -3.52 18.25
C LEU C 194 -17.08 -4.77 17.37
N LEU C 195 -16.21 -5.74 17.62
CA LEU C 195 -15.92 -6.83 16.67
C LEU C 195 -16.48 -8.21 17.01
N ARG C 196 -16.79 -8.47 18.28
CA ARG C 196 -17.31 -9.77 18.69
C ARG C 196 -18.75 -9.97 18.16
N GLY C 197 -18.98 -11.06 17.43
CA GLY C 197 -20.25 -11.33 16.79
C GLY C 197 -20.33 -10.85 15.34
N ARG C 198 -19.32 -10.12 14.89
CA ARG C 198 -19.27 -9.59 13.54
C ARG C 198 -18.30 -10.48 12.80
N THR C 199 -18.32 -10.41 11.48
CA THR C 199 -17.46 -11.31 10.69
C THR C 199 -16.21 -10.66 10.14
N VAL C 200 -15.20 -11.49 9.92
CA VAL C 200 -13.98 -11.11 9.25
C VAL C 200 -14.30 -10.48 7.91
N GLY C 201 -15.32 -11.00 7.23
CA GLY C 201 -15.77 -10.46 5.95
C GLY C 201 -16.29 -9.03 6.04
N GLU C 202 -17.04 -8.74 7.10
CA GLU C 202 -17.58 -7.41 7.34
C GLU C 202 -16.49 -6.36 7.62
N VAL C 203 -15.34 -6.79 8.15
CA VAL C 203 -14.22 -5.87 8.34
C VAL C 203 -13.64 -5.50 6.96
N LEU C 204 -13.45 -6.50 6.09
CA LEU C 204 -12.91 -6.30 4.75
C LEU C 204 -13.65 -5.24 3.94
N MET C 205 -14.98 -5.25 4.04
CA MET C 205 -15.84 -4.45 3.18
C MET C 205 -15.96 -3.00 3.63
N GLY C 206 -15.45 -2.72 4.83
CA GLY C 206 -15.54 -1.40 5.43
C GLY C 206 -16.87 -1.19 6.13
N LYS C 207 -17.54 -2.28 6.47
CA LYS C 207 -18.88 -2.22 7.08
C LYS C 207 -18.89 -1.84 8.57
N ILE C 208 -17.74 -1.86 9.23
CA ILE C 208 -17.67 -1.53 10.66
C ILE C 208 -17.34 -0.05 10.84
N GLU C 209 -18.39 0.74 11.05
CA GLU C 209 -18.27 2.19 10.97
C GLU C 209 -18.48 2.88 12.32
N SER C 210 -17.75 2.42 13.33
CA SER C 210 -17.76 3.08 14.64
C SER C 210 -16.74 4.23 14.64
N LEU C 211 -17.11 5.34 14.01
CA LEU C 211 -16.21 6.47 13.81
C LEU C 211 -16.14 7.36 15.04
N LYS C 212 -15.51 6.85 16.11
CA LYS C 212 -15.53 7.54 17.41
C LYS C 212 -14.16 8.14 17.82
N GLY C 213 -13.06 7.43 17.50
CA GLY C 213 -11.72 7.92 17.80
C GLY C 213 -10.90 6.92 18.60
N SER C 214 -9.96 6.23 17.93
CA SER C 214 -9.19 5.16 18.58
C SER C 214 -8.06 4.61 17.68
N GLY C 215 -6.85 5.14 17.86
CA GLY C 215 -5.70 4.88 17.00
C GLY C 215 -5.24 3.44 16.90
N PHE C 216 -5.16 2.75 18.03
CA PHE C 216 -4.68 1.38 18.06
C PHE C 216 -5.76 0.39 17.65
N LEU C 217 -6.98 0.66 18.08
CA LEU C 217 -8.16 -0.08 17.61
C LEU C 217 -8.14 -0.14 16.07
N ARG C 218 -7.86 0.97 15.41
CA ARG C 218 -7.91 1.04 13.94
C ARG C 218 -6.75 0.33 13.28
N LEU C 219 -5.59 0.41 13.91
CA LEU C 219 -4.42 -0.34 13.51
C LEU C 219 -4.74 -1.82 13.46
N ILE C 220 -5.42 -2.30 14.50
CA ILE C 220 -5.77 -3.71 14.64
C ILE C 220 -6.85 -4.12 13.64
N GLU C 221 -7.78 -3.23 13.40
CA GLU C 221 -8.82 -3.45 12.40
C GLU C 221 -8.24 -3.58 10.99
N SER C 222 -7.13 -2.90 10.72
CA SER C 222 -6.47 -2.99 9.42
C SER C 222 -5.75 -4.32 9.20
N LEU C 223 -5.32 -4.97 10.30
CA LEU C 223 -4.78 -6.33 10.26
C LEU C 223 -5.87 -7.37 9.99
N ILE C 224 -6.97 -7.30 10.73
CA ILE C 224 -8.10 -8.20 10.50
C ILE C 224 -8.73 -7.98 9.10
N GLY C 225 -8.54 -6.78 8.53
CA GLY C 225 -9.13 -6.41 7.25
C GLY C 225 -8.18 -6.50 6.06
N GLU C 226 -6.97 -6.98 6.32
CA GLU C 226 -5.96 -7.22 5.29
C GLU C 226 -6.46 -8.25 4.27
N THR C 227 -6.21 -7.98 2.99
CA THR C 227 -6.62 -8.89 1.92
C THR C 227 -5.80 -10.19 1.97
N VAL C 228 -6.51 -11.30 2.00
CA VAL C 228 -5.89 -12.61 1.86
C VAL C 228 -6.34 -13.23 0.55
N GLU C 229 -5.39 -13.83 -0.17
CA GLU C 229 -5.68 -14.49 -1.42
C GLU C 229 -6.60 -15.69 -1.14
N ARG C 230 -7.43 -16.01 -2.12
CA ARG C 230 -8.31 -17.15 -2.05
C ARG C 230 -7.56 -18.47 -1.84
N TYR C 231 -6.43 -18.66 -2.53
CA TYR C 231 -5.67 -19.91 -2.41
C TYR C 231 -4.28 -19.68 -1.85
N LEU C 232 -3.83 -20.62 -1.01
CA LEU C 232 -2.43 -20.77 -0.65
C LEU C 232 -1.77 -21.69 -1.69
N ASP C 233 -0.60 -21.30 -2.19
CA ASP C 233 0.12 -22.06 -3.21
C ASP C 233 1.45 -22.57 -2.67
N ALA C 234 1.91 -23.70 -3.18
CA ALA C 234 3.21 -24.22 -2.78
C ALA C 234 3.80 -25.11 -3.87
N GLY C 235 5.13 -25.14 -3.98
CA GLY C 235 5.83 -26.06 -4.84
C GLY C 235 5.92 -25.73 -6.32
N LEU C 236 5.80 -24.45 -6.70
CA LEU C 236 6.03 -24.05 -8.09
C LEU C 236 7.42 -24.50 -8.60
N GLU C 237 8.43 -24.42 -7.73
CA GLU C 237 9.77 -24.95 -8.00
C GLU C 237 9.77 -26.37 -8.57
N ASN C 238 8.88 -27.22 -8.05
CA ASN C 238 8.84 -28.63 -8.43
C ASN C 238 8.54 -28.84 -9.90
N LEU C 239 7.66 -28.01 -10.44
CA LEU C 239 7.35 -28.02 -11.87
C LEU C 239 8.55 -27.63 -12.74
N LEU C 240 9.42 -26.79 -12.22
CA LEU C 240 10.58 -26.34 -12.98
C LEU C 240 11.67 -27.39 -13.13
N LYS C 241 11.66 -28.43 -12.30
CA LYS C 241 12.66 -29.49 -12.36
C LYS C 241 12.13 -30.81 -12.96
N ASP C 242 10.90 -30.75 -13.48
CA ASP C 242 10.32 -31.88 -14.21
C ASP C 242 10.68 -31.77 -15.69
N GLU C 243 11.44 -32.73 -16.20
CA GLU C 243 11.98 -32.65 -17.55
C GLU C 243 10.89 -32.73 -18.62
N THR C 244 9.71 -33.24 -18.25
CA THR C 244 8.59 -33.32 -19.19
C THR C 244 7.82 -32.02 -19.42
N LEU C 245 8.06 -31.00 -18.60
CA LEU C 245 7.34 -29.74 -18.72
C LEU C 245 8.24 -28.65 -19.31
N THR C 246 7.66 -27.82 -20.16
CA THR C 246 8.36 -26.66 -20.71
C THR C 246 7.92 -25.40 -20.00
N LEU C 247 8.64 -24.33 -20.33
CA LEU C 247 8.33 -23.00 -19.82
C LEU C 247 6.91 -22.59 -20.24
N GLU C 248 6.56 -22.92 -21.49
CA GLU C 248 5.24 -22.67 -22.07
C GLU C 248 4.14 -23.34 -21.24
N ASP C 249 4.35 -24.60 -20.87
CA ASP C 249 3.37 -25.34 -20.08
C ASP C 249 3.18 -24.70 -18.71
N ILE C 250 4.29 -24.34 -18.06
CA ILE C 250 4.22 -23.78 -16.72
C ILE C 250 3.55 -22.41 -16.78
N ARG C 251 3.88 -21.59 -17.78
CA ARG C 251 3.21 -20.30 -17.95
C ARG C 251 1.71 -20.46 -18.10
N ASN C 252 1.31 -21.40 -18.96
CA ASN C 252 -0.10 -21.67 -19.24
C ASN C 252 -0.86 -22.05 -17.97
N LEU C 253 -0.26 -22.89 -17.13
CA LEU C 253 -0.85 -23.28 -15.86
C LEU C 253 -1.05 -22.07 -14.95
N LEU C 254 -0.06 -21.21 -14.90
CA LEU C 254 -0.12 -20.03 -14.05
C LEU C 254 -1.24 -19.09 -14.49
N GLU C 255 -1.49 -18.98 -15.79
CA GLU C 255 -2.60 -18.18 -16.30
C GLU C 255 -3.96 -18.86 -16.02
N GLU C 256 -4.08 -20.14 -16.33
CA GLU C 256 -5.35 -20.85 -16.23
C GLU C 256 -5.85 -20.96 -14.80
N VAL C 257 -4.91 -21.10 -13.87
CA VAL C 257 -5.21 -21.17 -12.45
C VAL C 257 -5.91 -19.90 -11.92
N LYS C 258 -5.81 -18.78 -12.65
CA LYS C 258 -6.57 -17.57 -12.31
C LYS C 258 -8.07 -17.67 -12.63
N ASP C 259 -8.42 -18.50 -13.62
CA ASP C 259 -9.83 -18.74 -13.97
C ASP C 259 -10.49 -19.54 -12.86
N GLN C 260 -11.21 -18.82 -12.01
CA GLN C 260 -11.82 -19.42 -10.83
C GLN C 260 -12.90 -20.45 -11.19
N LYS C 261 -13.67 -20.18 -12.24
CA LYS C 261 -14.69 -21.12 -12.72
C LYS C 261 -14.08 -22.45 -13.17
N PHE C 262 -12.88 -22.39 -13.76
CA PHE C 262 -12.19 -23.59 -14.24
C PHE C 262 -11.72 -24.48 -13.08
N LEU C 263 -11.22 -23.89 -12.01
CA LEU C 263 -10.87 -24.68 -10.83
C LEU C 263 -12.10 -25.30 -10.17
N GLU C 264 -13.25 -24.66 -10.31
CA GLU C 264 -14.50 -25.15 -9.72
C GLU C 264 -15.06 -26.36 -10.47
N SER C 265 -14.82 -26.39 -11.77
CA SER C 265 -15.31 -27.44 -12.64
C SER C 265 -14.48 -28.74 -12.54
N LEU C 266 -13.31 -28.65 -11.91
CA LEU C 266 -12.46 -29.82 -11.71
C LEU C 266 -12.86 -30.67 -10.51
N VAL C 267 -13.58 -30.10 -9.55
CA VAL C 267 -13.85 -30.79 -8.29
C VAL C 267 -15.12 -31.66 -8.41
N GLY C 268 -14.92 -32.92 -8.79
CA GLY C 268 -16.00 -33.87 -8.99
C GLY C 268 -16.67 -34.32 -7.70
N GLU C 269 -16.97 -35.62 -7.62
CA GLU C 269 -17.58 -36.17 -6.41
C GLU C 269 -16.55 -36.13 -5.27
N GLY C 270 -15.68 -37.14 -5.14
CA GLY C 270 -14.71 -37.19 -4.05
C GLY C 270 -13.34 -36.82 -4.57
N ILE C 271 -12.32 -37.60 -4.23
CA ILE C 271 -11.00 -37.46 -4.85
C ILE C 271 -11.03 -37.90 -6.32
N THR C 272 -10.47 -37.05 -7.19
CA THR C 272 -10.60 -37.18 -8.65
C THR C 272 -9.30 -36.79 -9.33
N VAL C 273 -8.96 -37.47 -10.43
CA VAL C 273 -7.82 -37.08 -11.28
C VAL C 273 -8.29 -36.73 -12.68
N ARG C 274 -7.55 -35.84 -13.32
CA ARG C 274 -7.79 -35.49 -14.70
C ARG C 274 -6.43 -35.50 -15.36
N ILE C 275 -6.25 -36.47 -16.26
CA ILE C 275 -4.98 -36.73 -16.90
C ILE C 275 -4.97 -36.13 -18.29
N GLY C 276 -4.02 -35.25 -18.56
CA GLY C 276 -3.82 -34.69 -19.89
C GLY C 276 -5.07 -34.11 -20.53
N ARG C 277 -5.47 -34.67 -21.66
CA ARG C 277 -6.63 -34.19 -22.42
C ARG C 277 -7.94 -34.21 -21.63
N GLU C 278 -8.06 -35.08 -20.63
CA GLU C 278 -9.26 -35.12 -19.77
C GLU C 278 -9.53 -33.82 -19.01
N ILE C 279 -8.51 -32.97 -18.86
CA ILE C 279 -8.66 -31.68 -18.20
C ILE C 279 -9.57 -30.74 -19.02
N GLY C 280 -9.58 -30.89 -20.33
CA GLY C 280 -10.45 -30.10 -21.18
C GLY C 280 -9.90 -28.72 -21.52
N ARG C 281 -8.58 -28.57 -21.45
CA ARG C 281 -7.88 -27.35 -21.87
C ARG C 281 -6.63 -27.78 -22.63
N LYS C 282 -6.57 -27.44 -23.91
CA LYS C 282 -5.44 -27.77 -24.77
C LYS C 282 -4.09 -27.30 -24.21
N LYS C 283 -4.08 -26.08 -23.67
CA LYS C 283 -2.88 -25.49 -23.06
C LYS C 283 -2.32 -26.31 -21.89
N LEU C 284 -3.18 -27.07 -21.20
CA LEU C 284 -2.79 -27.86 -20.02
C LEU C 284 -2.62 -29.37 -20.28
N GLU C 285 -2.31 -29.74 -21.52
CA GLU C 285 -2.30 -31.14 -21.96
C GLU C 285 -1.18 -32.00 -21.34
N LYS C 286 -0.13 -31.35 -20.85
CA LYS C 286 1.02 -32.04 -20.29
C LYS C 286 0.88 -32.31 -18.79
N PHE C 287 -0.24 -31.89 -18.20
CA PHE C 287 -0.46 -32.00 -16.75
C PHE C 287 -1.48 -33.07 -16.41
N ALA C 288 -1.41 -33.52 -15.17
CA ALA C 288 -2.51 -34.20 -14.50
C ALA C 288 -2.85 -33.40 -13.25
N VAL C 289 -4.13 -33.41 -12.87
CA VAL C 289 -4.63 -32.70 -11.69
C VAL C 289 -5.44 -33.61 -10.77
N PHE C 290 -4.98 -33.75 -9.53
CA PHE C 290 -5.76 -34.37 -8.46
C PHE C 290 -6.50 -33.24 -7.73
N SER C 291 -7.78 -33.45 -7.47
CA SER C 291 -8.61 -32.46 -6.80
C SER C 291 -9.58 -33.14 -5.83
N GLY C 292 -9.99 -32.38 -4.82
CA GLY C 292 -10.92 -32.83 -3.80
C GLY C 292 -11.17 -31.73 -2.79
N LYS C 293 -11.97 -32.01 -1.76
CA LYS C 293 -12.30 -31.00 -0.76
C LYS C 293 -11.95 -31.49 0.64
N TYR C 294 -11.70 -30.55 1.55
CA TYR C 294 -11.58 -30.86 2.98
C TYR C 294 -12.83 -30.36 3.70
N PHE C 295 -13.13 -30.98 4.83
CA PHE C 295 -14.45 -30.88 5.44
C PHE C 295 -14.40 -30.52 6.94
N LYS C 296 -15.42 -29.83 7.42
CA LYS C 296 -15.71 -29.78 8.84
C LYS C 296 -17.03 -30.50 8.96
N GLY C 297 -17.00 -31.71 9.49
CA GLY C 297 -18.15 -32.60 9.43
C GLY C 297 -18.45 -32.95 7.98
N GLU C 298 -19.72 -32.76 7.59
CA GLU C 298 -20.15 -32.96 6.20
C GLU C 298 -20.13 -31.70 5.32
N SER C 299 -19.72 -30.57 5.87
CA SER C 299 -19.75 -29.30 5.15
C SER C 299 -18.41 -29.01 4.48
N PRO C 300 -18.40 -28.84 3.17
CA PRO C 300 -17.18 -28.52 2.46
C PRO C 300 -16.64 -27.15 2.90
N ILE C 301 -15.42 -27.11 3.39
CA ILE C 301 -14.77 -25.84 3.74
C ILE C 301 -13.91 -25.30 2.58
N GLY C 302 -13.20 -26.18 1.88
CA GLY C 302 -12.37 -25.73 0.77
C GLY C 302 -11.91 -26.82 -0.16
N SER C 303 -11.48 -26.39 -1.35
CA SER C 303 -10.94 -27.29 -2.36
C SER C 303 -9.42 -27.36 -2.31
N VAL C 304 -8.87 -28.50 -2.71
CA VAL C 304 -7.43 -28.73 -2.84
C VAL C 304 -7.11 -29.26 -4.24
N TYR C 305 -6.06 -28.74 -4.87
CA TYR C 305 -5.64 -29.14 -6.20
C TYR C 305 -4.16 -29.51 -6.15
N LEU C 306 -3.77 -30.55 -6.87
CA LEU C 306 -2.36 -30.94 -7.01
C LEU C 306 -2.08 -31.06 -8.47
N PHE C 307 -1.31 -30.14 -9.02
CA PHE C 307 -0.89 -30.20 -10.41
C PHE C 307 0.51 -30.80 -10.52
N THR C 308 0.63 -31.83 -11.34
CA THR C 308 1.93 -32.40 -11.73
C THR C 308 2.00 -32.57 -13.25
N SER C 309 3.17 -32.93 -13.75
CA SER C 309 3.25 -33.53 -15.06
C SER C 309 2.39 -34.79 -15.03
N LYS C 310 1.79 -35.12 -16.16
CA LYS C 310 1.02 -36.37 -16.27
C LYS C 310 1.94 -37.58 -16.22
N VAL C 311 3.24 -37.38 -16.40
CA VAL C 311 4.24 -38.43 -16.22
C VAL C 311 4.75 -38.38 -14.79
N THR C 312 4.00 -39.03 -13.91
CA THR C 312 4.17 -38.94 -12.47
C THR C 312 3.79 -40.29 -11.83
N LYS C 313 4.18 -40.48 -10.58
CA LYS C 313 3.84 -41.72 -9.87
C LYS C 313 2.45 -41.55 -9.28
N TYR C 314 1.45 -41.95 -10.05
CA TYR C 314 0.05 -41.80 -9.69
C TYR C 314 -0.28 -42.45 -8.35
N ASP C 315 0.36 -43.58 -8.08
CA ASP C 315 0.15 -44.39 -6.87
C ASP C 315 0.53 -43.61 -5.61
N ARG C 316 1.77 -43.14 -5.59
CA ARG C 316 2.26 -42.29 -4.50
C ARG C 316 1.40 -41.04 -4.38
N ASN C 317 1.03 -40.43 -5.50
CA ASN C 317 0.35 -39.13 -5.49
C ASN C 317 -1.03 -39.23 -4.86
N HIS C 318 -1.75 -40.29 -5.18
CA HIS C 318 -3.10 -40.52 -4.68
C HIS C 318 -3.07 -40.77 -3.18
N ARG C 319 -2.10 -41.55 -2.74
CA ARG C 319 -1.87 -41.89 -1.33
C ARG C 319 -1.55 -40.66 -0.46
N VAL C 320 -0.65 -39.81 -0.95
CA VAL C 320 -0.30 -38.59 -0.24
C VAL C 320 -1.49 -37.62 -0.26
N PHE C 321 -2.13 -37.47 -1.42
CA PHE C 321 -3.28 -36.58 -1.58
C PHE C 321 -4.39 -36.96 -0.59
N GLU C 322 -4.69 -38.25 -0.51
CA GLU C 322 -5.71 -38.74 0.40
C GLU C 322 -5.36 -38.48 1.86
N TYR C 323 -4.15 -38.87 2.27
CA TYR C 323 -3.65 -38.65 3.62
C TYR C 323 -3.66 -37.17 4.05
N ILE C 324 -3.49 -36.24 3.09
CA ILE C 324 -3.47 -34.82 3.43
C ILE C 324 -4.89 -34.27 3.53
N LEU C 325 -5.79 -34.67 2.65
CA LEU C 325 -7.18 -34.22 2.75
C LEU C 325 -7.85 -34.73 4.03
N ASN C 326 -7.47 -35.92 4.48
CA ASN C 326 -8.01 -36.52 5.69
C ASN C 326 -7.45 -35.86 6.96
N ARG C 327 -6.18 -35.45 6.90
CA ARG C 327 -5.59 -34.69 7.99
C ARG C 327 -6.26 -33.32 8.09
N LEU C 328 -6.51 -32.69 6.95
CA LEU C 328 -7.12 -31.37 6.93
C LEU C 328 -8.53 -31.48 7.48
N SER C 329 -9.21 -32.57 7.11
CA SER C 329 -10.57 -32.80 7.55
C SER C 329 -10.64 -33.12 9.04
N GLU C 330 -9.65 -33.84 9.57
CA GLU C 330 -9.64 -34.17 11.00
C GLU C 330 -9.27 -32.92 11.81
N TYR C 331 -8.54 -31.98 11.24
CA TYR C 331 -8.20 -30.79 11.97
C TYR C 331 -9.42 -29.88 12.07
N PHE C 332 -10.05 -29.61 10.93
CA PHE C 332 -11.16 -28.67 10.88
C PHE C 332 -12.43 -29.20 11.57
N THR C 333 -12.59 -30.52 11.59
CA THR C 333 -13.73 -31.17 12.25
C THR C 333 -13.56 -31.15 13.77
N SER C 334 -12.32 -31.24 14.24
CA SER C 334 -12.01 -31.18 15.67
C SER C 334 -12.06 -29.79 16.31
N THR C 335 -12.26 -28.74 15.51
CA THR C 335 -12.49 -27.39 16.04
C THR C 335 -13.98 -27.07 16.22
N SER C 336 -14.82 -28.11 16.26
CA SER C 336 -16.22 -27.99 16.70
C SER C 336 -16.42 -28.92 17.87
#